data_8IW6
#
_entry.id   8IW6
#
_cell.length_a   50.970
_cell.length_b   139.930
_cell.length_c   58.030
_cell.angle_alpha   90.000
_cell.angle_beta   101.570
_cell.angle_gamma   90.000
#
_symmetry.space_group_name_H-M   'P 1 21 1'
#
loop_
_entity.id
_entity.type
_entity.pdbx_description
1 polymer 'Alpha/beta fold hydrolase'
2 non-polymer 'METHYL 2-[({[(4,6-DIMETHYLPYRIMIDIN-2-YL)AMINO]CARBONYL}AMINO)SULFONYL]BENZOATE'
3 non-polymer 'L(+)-TARTARIC ACID'
4 non-polymer GLYCEROL
5 water water
#
_entity_poly.entity_id   1
_entity_poly.type   'polypeptide(L)'
_entity_poly.pdbx_seq_one_letter_code
;METDNVELAQSKRKVVLAEQGSFYIGGRTVTGPGKFDPSKPVIPYSNEGATFYINQMYVNFQAPVRPRGLPLVFWHGGGL
TGHIWESTPDGRPGFQTLFVQDRHTVYTIDQPGRGRGNIPTFNGPFGQLEEESIVNTVTGNSSKEGAWVRDRLGPAPGQF
FENSQFPRGYEDNYFKEMGFSPSISSDEIVDAVVKLVTHIGPCVLVTHAASGVLGMRVATHAKNVRGIVAYEPATSIFPK
GKVPEIPPLADKKSQIFPPFEIQESYFKKLAKIPIQFVFGDNIPKNPKSAYWFLDWWRVTRYAHSLSLEAINKLGGQASL
LDLPTAGLRGNTAFPFTDRNNVQVASLLSDFLGKHGLDQNESLEHHHHHH
;
_entity_poly.pdbx_strand_id   A,B
#
loop_
_chem_comp.id
_chem_comp.type
_chem_comp.name
_chem_comp.formula
1SM non-polymer 'METHYL 2-[({[(4,6-DIMETHYLPYRIMIDIN-2-YL)AMINO]CARBONYL}AMINO)SULFONYL]BENZOATE' 'C15 H16 N4 O5 S'
GOL non-polymer GLYCEROL 'C3 H8 O3'
TLA non-polymer 'L(+)-TARTARIC ACID' 'C4 H6 O6'
#
# COMPACT_ATOMS: atom_id res chain seq x y z
N LYS A 12 7.21 -13.60 20.77
CA LYS A 12 8.40 -13.87 20.03
C LYS A 12 8.20 -13.17 18.73
N ARG A 13 9.16 -12.39 18.32
CA ARG A 13 8.96 -11.65 17.11
C ARG A 13 9.60 -12.35 15.92
N LYS A 14 10.37 -13.39 16.20
CA LYS A 14 11.08 -14.10 15.16
C LYS A 14 10.24 -14.88 14.21
N VAL A 15 10.56 -14.81 12.92
CA VAL A 15 9.85 -15.53 11.92
C VAL A 15 10.82 -16.12 10.87
N VAL A 16 10.61 -17.37 10.54
CA VAL A 16 11.42 -18.03 9.52
C VAL A 16 10.54 -18.28 8.29
N LEU A 17 10.93 -17.67 7.17
CA LEU A 17 10.11 -17.77 5.95
C LEU A 17 10.84 -18.62 4.92
N ALA A 18 10.15 -19.65 4.43
CA ALA A 18 10.65 -20.37 3.27
C ALA A 18 10.65 -19.49 2.04
N GLU A 19 9.70 -18.57 1.94
CA GLU A 19 9.67 -17.58 0.87
C GLU A 19 8.70 -16.47 1.25
N GLN A 20 8.91 -15.30 0.65
CA GLN A 20 7.98 -14.20 0.79
C GLN A 20 7.98 -13.44 -0.52
N GLY A 21 6.92 -12.66 -0.72
CA GLY A 21 6.91 -11.78 -1.87
C GLY A 21 5.54 -11.18 -2.05
N SER A 22 5.38 -10.52 -3.20
CA SER A 22 4.12 -9.87 -3.51
C SER A 22 3.95 -9.79 -5.02
N PHE A 23 2.70 -9.61 -5.42
CA PHE A 23 2.36 -9.61 -6.84
C PHE A 23 1.03 -8.89 -7.00
N TYR A 24 0.72 -8.56 -8.26
CA TYR A 24 -0.55 -7.97 -8.64
C TYR A 24 -1.38 -9.00 -9.37
N ILE A 25 -2.69 -8.98 -9.12
CA ILE A 25 -3.61 -9.90 -9.78
C ILE A 25 -4.95 -9.20 -9.99
N GLY A 26 -5.66 -9.64 -11.02
CA GLY A 26 -6.96 -9.07 -11.33
C GLY A 26 -6.85 -7.73 -12.03
N GLY A 27 -8.02 -7.14 -12.26
CA GLY A 27 -8.13 -5.87 -12.94
C GLY A 27 -8.46 -6.03 -14.40
N ARG A 28 -8.56 -4.87 -15.05
CA ARG A 28 -8.82 -4.80 -16.49
C ARG A 28 -8.04 -3.62 -17.04
N THR A 29 -8.33 -3.25 -18.29
CA THR A 29 -7.71 -2.07 -18.88
C THR A 29 -8.80 -1.19 -19.47
N VAL A 30 -8.48 0.11 -19.54
CA VAL A 30 -9.27 1.08 -20.29
C VAL A 30 -8.30 1.89 -21.14
N THR A 31 -8.82 2.46 -22.22
CA THR A 31 -7.97 3.09 -23.20
C THR A 31 -8.43 4.52 -23.49
N GLY A 32 -7.46 5.42 -23.65
CA GLY A 32 -7.73 6.75 -24.10
C GLY A 32 -7.91 6.80 -25.61
N PRO A 33 -8.21 8.06 -26.06
CA PRO A 33 -8.37 8.21 -27.48
C PRO A 33 -7.05 8.42 -28.17
N GLY A 34 -7.07 8.17 -29.46
CA GLY A 34 -5.89 8.41 -30.23
C GLY A 34 -4.73 7.52 -30.21
N LYS A 35 -3.62 8.11 -30.58
CA LYS A 35 -2.42 7.34 -30.77
C LYS A 35 -1.23 7.87 -29.93
N PHE A 36 -0.33 6.99 -29.61
CA PHE A 36 0.87 7.35 -28.87
C PHE A 36 2.07 7.52 -29.81
N ASP A 37 2.70 8.68 -29.74
CA ASP A 37 3.84 8.98 -30.58
C ASP A 37 5.11 9.13 -29.67
N PRO A 38 6.08 8.18 -29.75
CA PRO A 38 7.24 8.29 -28.85
C PRO A 38 8.13 9.49 -29.12
N SER A 39 7.96 10.17 -30.26
CA SER A 39 8.77 11.34 -30.56
C SER A 39 8.23 12.59 -29.88
N LYS A 40 6.98 12.58 -29.45
CA LYS A 40 6.37 13.75 -28.86
C LYS A 40 6.59 13.74 -27.36
N PRO A 41 6.53 14.91 -26.71
CA PRO A 41 6.83 14.95 -25.27
C PRO A 41 5.90 14.05 -24.48
N VAL A 42 6.50 13.17 -23.68
CA VAL A 42 5.73 12.19 -22.90
C VAL A 42 5.23 12.80 -21.59
N ILE A 43 5.86 13.86 -21.13
CA ILE A 43 5.49 14.55 -19.91
C ILE A 43 5.25 16.00 -20.27
N PRO A 44 4.15 16.63 -19.83
CA PRO A 44 3.08 16.09 -18.96
C PRO A 44 2.34 14.90 -19.57
N TYR A 45 1.93 13.97 -18.71
CA TYR A 45 1.30 12.76 -19.20
C TYR A 45 -0.04 13.06 -19.86
N SER A 46 -0.39 12.20 -20.81
CA SER A 46 -1.58 12.37 -21.59
C SER A 46 -2.37 11.09 -21.68
N ASN A 47 -3.66 11.22 -21.94
CA ASN A 47 -4.49 10.05 -22.17
C ASN A 47 -4.43 9.62 -23.64
N GLU A 48 -3.75 10.41 -24.45
CA GLU A 48 -3.65 10.10 -25.86
C GLU A 48 -2.87 8.85 -26.14
N GLY A 49 -3.51 7.88 -26.76
CA GLY A 49 -2.89 6.60 -27.03
C GLY A 49 -2.68 5.75 -25.80
N ALA A 50 -3.36 6.10 -24.75
CA ALA A 50 -3.14 5.45 -23.50
C ALA A 50 -3.84 4.17 -23.15
N THR A 51 -3.11 3.22 -22.64
CA THR A 51 -3.70 2.05 -22.00
C THR A 51 -3.46 2.21 -20.50
N PHE A 52 -4.51 2.09 -19.71
CA PHE A 52 -4.40 2.17 -18.26
C PHE A 52 -4.86 0.85 -17.67
N TYR A 53 -4.03 0.26 -16.80
CA TYR A 53 -4.47 -0.89 -16.01
C TYR A 53 -5.23 -0.37 -14.80
N ILE A 54 -6.46 -0.86 -14.60
CA ILE A 54 -7.31 -0.41 -13.50
C ILE A 54 -7.86 -1.57 -12.70
N ASN A 55 -8.10 -1.30 -11.42
CA ASN A 55 -8.84 -2.16 -10.51
C ASN A 55 -8.11 -3.45 -10.15
N GLN A 56 -6.80 -3.49 -10.40
CA GLN A 56 -5.97 -4.61 -9.95
C GLN A 56 -5.76 -4.56 -8.43
N MET A 57 -5.39 -5.73 -7.89
CA MET A 57 -5.23 -5.94 -6.46
C MET A 57 -3.78 -6.30 -6.13
N TYR A 58 -3.28 -5.78 -5.01
CA TYR A 58 -1.96 -6.14 -4.49
C TYR A 58 -2.09 -7.31 -3.52
N VAL A 59 -1.15 -8.26 -3.60
CA VAL A 59 -1.15 -9.45 -2.78
C VAL A 59 0.25 -9.69 -2.24
N ASN A 60 0.36 -9.87 -0.93
CA ASN A 60 1.60 -10.22 -0.26
C ASN A 60 1.46 -11.62 0.32
N PHE A 61 2.52 -12.42 0.24
CA PHE A 61 2.50 -13.74 0.87
C PHE A 61 3.77 -13.98 1.67
N GLN A 62 3.63 -14.73 2.76
CA GLN A 62 4.75 -15.23 3.55
C GLN A 62 4.47 -16.69 3.86
N ALA A 63 5.41 -17.57 3.52
CA ALA A 63 5.25 -18.99 3.71
C ALA A 63 6.24 -19.49 4.73
N PRO A 64 5.75 -20.28 5.72
CA PRO A 64 6.74 -20.82 6.62
C PRO A 64 7.41 -22.07 6.07
N VAL A 65 8.40 -22.54 6.80
CA VAL A 65 9.02 -23.80 6.46
C VAL A 65 8.05 -24.88 6.90
N ARG A 66 7.73 -25.77 6.02
CA ARG A 66 6.83 -26.88 6.37
C ARG A 66 5.46 -26.38 6.82
N PRO A 67 4.76 -25.78 5.88
CA PRO A 67 3.42 -25.36 6.23
C PRO A 67 2.49 -26.51 6.58
N ARG A 68 1.50 -26.23 7.37
CA ARG A 68 0.49 -27.22 7.71
C ARG A 68 -0.88 -26.64 7.43
N GLY A 69 -1.75 -27.42 6.82
CA GLY A 69 -3.08 -26.91 6.60
C GLY A 69 -3.17 -25.92 5.45
N LEU A 70 -4.26 -25.22 5.43
CA LEU A 70 -4.55 -24.38 4.28
C LEU A 70 -3.99 -22.99 4.46
N PRO A 71 -3.61 -22.33 3.36
CA PRO A 71 -3.22 -20.92 3.48
C PRO A 71 -4.39 -20.06 3.94
N LEU A 72 -4.06 -19.00 4.67
CA LEU A 72 -5.04 -18.04 5.15
C LEU A 72 -4.92 -16.77 4.32
N VAL A 73 -6.07 -16.22 3.91
CA VAL A 73 -6.12 -14.97 3.18
C VAL A 73 -6.77 -13.94 4.09
N PHE A 74 -5.98 -12.99 4.57
CA PHE A 74 -6.45 -11.93 5.47
C PHE A 74 -6.89 -10.72 4.64
N TRP A 75 -8.16 -10.32 4.82
CA TRP A 75 -8.82 -9.30 3.99
C TRP A 75 -9.28 -8.15 4.87
N HIS A 76 -8.59 -7.01 4.76
CA HIS A 76 -8.84 -5.84 5.57
C HIS A 76 -10.27 -5.31 5.38
N GLY A 77 -10.73 -4.58 6.39
CA GLY A 77 -12.02 -3.92 6.34
C GLY A 77 -11.99 -2.63 5.55
N GLY A 78 -13.10 -1.90 5.66
CA GLY A 78 -13.29 -0.73 4.82
C GLY A 78 -12.31 0.37 5.14
N GLY A 79 -11.70 0.92 4.10
CA GLY A 79 -10.77 2.01 4.22
C GLY A 79 -9.43 1.64 4.81
N LEU A 80 -9.08 0.35 4.80
CA LEU A 80 -7.88 -0.15 5.44
C LEU A 80 -6.96 -0.79 4.41
N THR A 81 -5.87 -1.39 4.89
CA THR A 81 -4.92 -2.11 4.04
C THR A 81 -4.39 -3.30 4.82
N GLY A 82 -3.53 -4.08 4.16
CA GLY A 82 -2.89 -5.21 4.82
C GLY A 82 -2.04 -4.84 6.02
N HIS A 83 -1.75 -3.54 6.21
CA HIS A 83 -1.04 -3.12 7.42
C HIS A 83 -1.68 -3.68 8.69
N ILE A 84 -3.02 -3.75 8.74
CA ILE A 84 -3.69 -4.12 9.99
C ILE A 84 -3.39 -5.56 10.38
N TRP A 85 -2.93 -6.40 9.45
CA TRP A 85 -2.54 -7.75 9.79
C TRP A 85 -1.04 -7.87 10.04
N GLU A 86 -0.27 -6.83 9.71
CA GLU A 86 1.18 -6.87 9.91
C GLU A 86 1.56 -6.53 11.33
N SER A 87 0.97 -5.44 11.86
CA SER A 87 1.34 -4.92 13.16
C SER A 87 0.12 -4.24 13.76
N THR A 88 0.13 -4.13 15.10
CA THR A 88 -0.86 -3.33 15.81
C THR A 88 -0.38 -1.88 15.81
N PRO A 89 -1.24 -0.92 16.14
CA PRO A 89 -0.81 0.49 16.12
C PRO A 89 0.36 0.77 17.04
N ASP A 90 0.46 0.03 18.15
CA ASP A 90 1.56 0.15 19.09
C ASP A 90 2.73 -0.77 18.78
N GLY A 91 2.74 -1.40 17.61
CA GLY A 91 3.95 -2.08 17.17
C GLY A 91 4.08 -3.53 17.58
N ARG A 92 3.03 -4.14 18.13
CA ARG A 92 3.05 -5.57 18.42
C ARG A 92 2.77 -6.37 17.16
N PRO A 93 3.19 -7.63 17.13
CA PRO A 93 2.98 -8.46 15.93
C PRO A 93 1.51 -8.60 15.59
N GLY A 94 1.22 -8.50 14.29
CA GLY A 94 -0.11 -8.75 13.79
C GLY A 94 -0.31 -10.22 13.45
N PHE A 95 -1.53 -10.51 12.96
CA PHE A 95 -1.90 -11.90 12.64
C PHE A 95 -1.00 -12.51 11.57
N GLN A 96 -0.42 -11.70 10.68
CA GLN A 96 0.52 -12.23 9.69
C GLN A 96 1.65 -12.99 10.38
N THR A 97 2.37 -12.32 11.29
CA THR A 97 3.43 -12.98 12.04
C THR A 97 2.89 -14.14 12.87
N LEU A 98 1.79 -13.91 13.60
CA LEU A 98 1.30 -14.95 14.50
C LEU A 98 0.96 -16.23 13.75
N PHE A 99 0.38 -16.12 12.56
CA PHE A 99 -0.03 -17.30 11.84
C PHE A 99 1.06 -17.94 11.00
N VAL A 100 2.07 -17.18 10.57
CA VAL A 100 3.25 -17.82 10.01
C VAL A 100 3.94 -18.64 11.09
N GLN A 101 4.02 -18.09 12.31
CA GLN A 101 4.54 -18.87 13.44
C GLN A 101 3.66 -20.09 13.73
N ASP A 102 2.36 -19.97 13.50
CA ASP A 102 1.42 -21.09 13.62
C ASP A 102 1.48 -22.01 12.40
N ARG A 103 2.50 -21.86 11.56
CA ARG A 103 2.80 -22.78 10.45
C ARG A 103 1.78 -22.73 9.33
N HIS A 104 1.12 -21.60 9.12
CA HIS A 104 0.28 -21.40 7.94
C HIS A 104 0.98 -20.43 6.99
N THR A 105 0.84 -20.69 5.69
CA THR A 105 1.14 -19.66 4.70
C THR A 105 0.09 -18.58 4.80
N VAL A 106 0.53 -17.33 4.78
CA VAL A 106 -0.34 -16.19 5.04
C VAL A 106 -0.30 -15.24 3.85
N TYR A 107 -1.47 -14.99 3.28
CA TYR A 107 -1.66 -13.98 2.24
C TYR A 107 -2.36 -12.78 2.86
N THR A 108 -1.83 -11.59 2.58
CA THR A 108 -2.49 -10.35 2.92
C THR A 108 -2.69 -9.55 1.64
N ILE A 109 -3.85 -8.93 1.49
CA ILE A 109 -4.19 -8.20 0.29
C ILE A 109 -4.41 -6.73 0.60
N ASP A 110 -4.19 -5.89 -0.41
CA ASP A 110 -4.74 -4.54 -0.48
C ASP A 110 -5.74 -4.61 -1.64
N GLN A 111 -7.03 -4.54 -1.34
CA GLN A 111 -8.02 -4.77 -2.38
C GLN A 111 -8.02 -3.63 -3.38
N PRO A 112 -8.61 -3.83 -4.57
CA PRO A 112 -8.66 -2.73 -5.55
C PRO A 112 -9.25 -1.49 -4.90
N GLY A 113 -8.61 -0.34 -5.13
CA GLY A 113 -9.03 0.92 -4.55
C GLY A 113 -8.43 1.26 -3.20
N ARG A 114 -7.60 0.40 -2.63
CA ARG A 114 -7.04 0.63 -1.31
C ARG A 114 -5.56 0.29 -1.29
N GLY A 115 -4.80 1.13 -0.58
CA GLY A 115 -3.37 0.88 -0.40
C GLY A 115 -2.66 0.65 -1.72
N ARG A 116 -1.94 -0.46 -1.81
CA ARG A 116 -1.19 -0.77 -3.02
C ARG A 116 -2.06 -1.27 -4.16
N GLY A 117 -3.37 -1.50 -3.91
CA GLY A 117 -4.27 -1.76 -5.01
C GLY A 117 -4.42 -0.52 -5.88
N ASN A 118 -5.00 -0.71 -7.06
CA ASN A 118 -5.12 0.43 -7.98
C ASN A 118 -6.21 1.42 -7.56
N ILE A 119 -5.90 2.71 -7.69
CA ILE A 119 -6.87 3.79 -7.64
C ILE A 119 -7.09 4.27 -9.07
N PRO A 120 -8.23 3.98 -9.68
CA PRO A 120 -8.38 4.28 -11.12
C PRO A 120 -8.60 5.75 -11.43
N THR A 121 -7.52 6.45 -11.75
CA THR A 121 -7.62 7.85 -12.15
C THR A 121 -6.57 8.12 -13.23
N PHE A 122 -6.76 9.23 -13.94
CA PHE A 122 -6.09 9.42 -15.21
C PHE A 122 -5.58 10.86 -15.33
N ASN A 123 -5.59 11.42 -16.54
CA ASN A 123 -5.26 12.83 -16.72
C ASN A 123 -6.58 13.58 -16.89
N GLY A 124 -7.01 14.22 -15.81
CA GLY A 124 -8.27 14.92 -15.77
C GLY A 124 -8.87 14.85 -14.38
N PRO A 125 -10.09 15.34 -14.22
CA PRO A 125 -10.74 15.27 -12.91
C PRO A 125 -10.74 13.85 -12.38
N PHE A 126 -10.59 13.71 -11.07
CA PHE A 126 -10.39 12.40 -10.46
C PHE A 126 -11.41 11.39 -10.94
N GLY A 127 -10.89 10.24 -11.40
CA GLY A 127 -11.71 9.12 -11.82
C GLY A 127 -12.27 9.20 -13.21
N GLN A 128 -11.99 10.29 -13.91
CA GLN A 128 -12.56 10.50 -15.23
C GLN A 128 -11.61 10.29 -16.37
N LEU A 129 -12.03 9.43 -17.29
CA LEU A 129 -11.27 9.18 -18.51
C LEU A 129 -12.05 9.79 -19.66
N GLU A 130 -11.63 10.99 -20.05
CA GLU A 130 -12.37 11.74 -21.06
C GLU A 130 -13.83 11.87 -20.60
N GLU A 131 -14.77 11.38 -21.38
CA GLU A 131 -16.20 11.49 -21.04
C GLU A 131 -16.74 10.36 -20.14
N GLU A 132 -15.88 9.43 -19.76
CA GLU A 132 -16.32 8.32 -18.96
C GLU A 132 -15.92 8.43 -17.51
N SER A 133 -16.86 8.26 -16.63
CA SER A 133 -16.58 8.23 -15.22
C SER A 133 -16.26 6.82 -14.81
N ILE A 134 -14.99 6.56 -14.52
CA ILE A 134 -14.59 5.24 -14.09
C ILE A 134 -14.89 5.07 -12.60
N VAL A 135 -14.54 6.09 -11.80
CA VAL A 135 -15.04 6.23 -10.43
C VAL A 135 -15.43 7.69 -10.22
N ASN A 136 -16.25 7.91 -9.20
CA ASN A 136 -16.78 9.25 -8.94
C ASN A 136 -15.69 10.23 -8.51
N THR A 137 -15.81 11.47 -9.00
CA THR A 137 -14.90 12.55 -8.58
C THR A 137 -15.14 12.95 -7.13
N VAL A 138 -16.38 12.93 -6.67
CA VAL A 138 -16.70 13.23 -5.28
C VAL A 138 -16.40 12.01 -4.44
N THR A 139 -15.57 12.18 -3.41
CA THR A 139 -15.22 11.08 -2.52
C THR A 139 -15.99 11.17 -1.21
N GLY A 140 -15.95 10.07 -0.46
CA GLY A 140 -16.36 10.07 0.93
C GLY A 140 -15.28 9.45 1.78
N ASN A 141 -15.23 9.87 3.04
CA ASN A 141 -14.18 9.37 3.93
C ASN A 141 -14.60 9.63 5.37
N SER A 142 -14.39 8.64 6.23
CA SER A 142 -14.67 8.82 7.64
C SER A 142 -13.72 9.84 8.26
N SER A 143 -14.19 10.52 9.28
CA SER A 143 -13.33 11.31 10.14
C SER A 143 -12.77 10.42 11.26
N LYS A 144 -11.78 10.96 11.96
CA LYS A 144 -11.33 10.33 13.19
C LYS A 144 -12.49 10.09 14.15
N GLU A 145 -13.36 11.08 14.30
CA GLU A 145 -14.50 10.97 15.21
C GLU A 145 -15.45 9.86 14.78
N GLY A 146 -15.75 9.77 13.48
CA GLY A 146 -16.63 8.72 13.01
C GLY A 146 -16.04 7.34 13.20
N ALA A 147 -14.73 7.22 12.97
CA ALA A 147 -14.09 5.91 13.13
C ALA A 147 -13.99 5.52 14.59
N TRP A 148 -13.78 6.50 15.47
CA TRP A 148 -13.72 6.23 16.91
C TRP A 148 -14.99 5.51 17.36
N VAL A 149 -16.16 6.04 16.98
CA VAL A 149 -17.41 5.42 17.44
C VAL A 149 -17.75 4.18 16.63
N ARG A 150 -17.43 4.18 15.33
CA ARG A 150 -17.61 2.99 14.51
C ARG A 150 -16.88 1.79 15.10
N ASP A 151 -15.66 2.01 15.57
CA ASP A 151 -14.85 0.88 16.04
C ASP A 151 -15.06 0.60 17.52
N ARG A 152 -15.95 1.35 18.17
CA ARG A 152 -16.31 1.12 19.57
C ARG A 152 -15.11 1.22 20.51
N LEU A 153 -14.19 2.14 20.21
CA LEU A 153 -13.20 2.51 21.22
C LEU A 153 -13.88 3.02 22.47
N GLY A 154 -14.97 3.77 22.28
CA GLY A 154 -15.80 4.28 23.34
C GLY A 154 -17.06 4.85 22.73
N PRO A 155 -17.93 5.43 23.56
CA PRO A 155 -19.22 5.94 23.04
C PRO A 155 -19.11 7.26 22.32
N ALA A 156 -18.07 8.04 22.57
CA ALA A 156 -17.88 9.33 21.93
C ALA A 156 -16.39 9.53 21.67
N PRO A 157 -16.05 10.35 20.68
CA PRO A 157 -14.62 10.55 20.35
C PRO A 157 -13.84 11.00 21.57
N GLY A 158 -12.65 10.43 21.74
CA GLY A 158 -11.78 10.76 22.84
C GLY A 158 -12.07 10.01 24.12
N GLN A 159 -13.18 9.29 24.19
CA GLN A 159 -13.55 8.56 25.40
C GLN A 159 -13.43 7.07 25.14
N PHE A 160 -12.84 6.35 26.10
CA PHE A 160 -12.72 4.90 26.05
C PHE A 160 -13.70 4.23 27.00
N PHE A 161 -14.26 3.10 26.58
CA PHE A 161 -14.88 2.20 27.53
C PHE A 161 -13.83 1.78 28.56
N GLU A 162 -14.26 1.64 29.82
CA GLU A 162 -13.34 1.27 30.90
C GLU A 162 -12.57 0.00 30.58
N ASN A 163 -13.24 -0.96 29.97
CA ASN A 163 -12.68 -2.30 29.74
C ASN A 163 -11.89 -2.38 28.43
N SER A 164 -11.67 -1.27 27.76
CA SER A 164 -11.22 -1.32 26.36
C SER A 164 -9.89 -2.02 26.22
N GLN A 165 -9.78 -2.83 25.18
CA GLN A 165 -8.53 -3.47 24.78
C GLN A 165 -7.76 -2.65 23.76
N PHE A 166 -8.21 -1.45 23.46
CA PHE A 166 -7.51 -0.64 22.47
C PHE A 166 -6.12 -0.26 22.99
N PRO A 167 -5.09 -0.25 22.13
CA PRO A 167 -3.78 0.23 22.58
C PRO A 167 -3.74 1.74 22.78
N ARG A 168 -4.19 2.20 23.94
CA ARG A 168 -4.25 3.62 24.22
C ARG A 168 -2.88 4.26 24.11
N GLY A 169 -2.87 5.53 23.72
CA GLY A 169 -1.64 6.23 23.44
C GLY A 169 -1.18 6.15 22.01
N TYR A 170 -1.74 5.24 21.22
CA TYR A 170 -1.37 5.03 19.83
C TYR A 170 -2.52 5.36 18.88
N GLU A 171 -3.35 6.31 19.31
CA GLU A 171 -4.51 6.74 18.54
C GLU A 171 -4.11 7.31 17.19
N ASP A 172 -3.13 8.22 17.16
CA ASP A 172 -2.69 8.79 15.90
C ASP A 172 -2.25 7.69 14.94
N ASN A 173 -1.43 6.75 15.43
CA ASN A 173 -0.95 5.67 14.58
C ASN A 173 -2.12 4.88 14.00
N TYR A 174 -3.12 4.60 14.83
CA TYR A 174 -4.29 3.83 14.41
C TYR A 174 -5.07 4.56 13.32
N PHE A 175 -5.46 5.80 13.59
CA PHE A 175 -6.31 6.48 12.61
C PHE A 175 -5.55 6.77 11.32
N LYS A 176 -4.22 6.88 11.40
CA LYS A 176 -3.42 7.13 10.21
C LYS A 176 -3.48 5.99 9.20
N GLU A 177 -3.88 4.79 9.63
CA GLU A 177 -3.98 3.65 8.73
C GLU A 177 -5.23 3.67 7.86
N MET A 178 -6.15 4.59 8.11
CA MET A 178 -7.46 4.59 7.46
C MET A 178 -7.55 5.64 6.36
N GLY A 179 -8.35 5.34 5.34
CA GLY A 179 -8.50 6.26 4.23
C GLY A 179 -9.74 6.00 3.40
N PHE A 180 -9.86 6.79 2.34
CA PHE A 180 -11.01 6.70 1.45
C PHE A 180 -10.91 5.51 0.51
N SER A 181 -12.05 5.14 -0.06
CA SER A 181 -12.08 4.19 -1.16
C SER A 181 -12.83 4.80 -2.33
N PRO A 182 -12.27 4.78 -3.53
CA PRO A 182 -13.00 5.23 -4.71
C PRO A 182 -14.14 4.27 -4.99
N SER A 183 -15.06 4.71 -5.86
CA SER A 183 -16.32 4.00 -6.07
C SER A 183 -16.20 2.79 -6.99
N ILE A 184 -15.12 2.00 -6.89
CA ILE A 184 -15.03 0.75 -7.64
C ILE A 184 -16.19 -0.16 -7.23
N SER A 185 -16.82 -0.79 -8.22
CA SER A 185 -17.95 -1.66 -7.92
C SER A 185 -17.52 -2.83 -7.05
N SER A 186 -18.38 -3.21 -6.11
CA SER A 186 -18.12 -4.41 -5.32
C SER A 186 -17.92 -5.63 -6.20
N ASP A 187 -18.61 -5.69 -7.35
CA ASP A 187 -18.42 -6.82 -8.26
C ASP A 187 -16.97 -6.95 -8.68
N GLU A 188 -16.31 -5.84 -8.95
CA GLU A 188 -14.92 -5.90 -9.38
C GLU A 188 -13.97 -6.23 -8.23
N ILE A 189 -14.31 -5.87 -7.01
CA ILE A 189 -13.49 -6.26 -5.87
C ILE A 189 -13.62 -7.76 -5.64
N VAL A 190 -14.84 -8.27 -5.65
CA VAL A 190 -15.08 -9.71 -5.52
C VAL A 190 -14.34 -10.47 -6.63
N ASP A 191 -14.39 -9.94 -7.86
CA ASP A 191 -13.75 -10.59 -8.98
C ASP A 191 -12.25 -10.77 -8.75
N ALA A 192 -11.58 -9.74 -8.24
CA ALA A 192 -10.14 -9.83 -7.97
C ALA A 192 -9.85 -10.94 -6.96
N VAL A 193 -10.64 -11.03 -5.90
CA VAL A 193 -10.38 -12.04 -4.90
C VAL A 193 -10.72 -13.45 -5.39
N VAL A 194 -11.78 -13.58 -6.21
CA VAL A 194 -12.04 -14.89 -6.82
C VAL A 194 -10.84 -15.35 -7.64
N LYS A 195 -10.24 -14.43 -8.40
CA LYS A 195 -9.07 -14.79 -9.20
C LYS A 195 -7.89 -15.17 -8.31
N LEU A 196 -7.68 -14.46 -7.20
CA LEU A 196 -6.65 -14.87 -6.27
C LEU A 196 -6.92 -16.27 -5.72
N VAL A 197 -8.17 -16.53 -5.31
CA VAL A 197 -8.49 -17.84 -4.74
C VAL A 197 -8.28 -18.96 -5.76
N THR A 198 -8.60 -18.69 -7.03
CA THR A 198 -8.30 -19.64 -8.10
C THR A 198 -6.80 -19.89 -8.20
N HIS A 199 -6.00 -18.84 -8.05
CA HIS A 199 -4.55 -18.97 -8.11
C HIS A 199 -4.00 -19.76 -6.94
N ILE A 200 -4.54 -19.52 -5.74
CA ILE A 200 -3.97 -20.09 -4.52
C ILE A 200 -4.30 -21.56 -4.38
N GLY A 201 -5.53 -21.95 -4.72
CA GLY A 201 -6.06 -23.24 -4.36
C GLY A 201 -6.88 -23.15 -3.09
N PRO A 202 -7.21 -24.31 -2.52
CA PRO A 202 -7.97 -24.33 -1.26
C PRO A 202 -7.35 -23.43 -0.20
N CYS A 203 -8.19 -22.65 0.47
CA CYS A 203 -7.73 -21.64 1.40
C CYS A 203 -8.87 -21.27 2.35
N VAL A 204 -8.54 -20.42 3.32
CA VAL A 204 -9.50 -19.92 4.30
C VAL A 204 -9.48 -18.41 4.20
N LEU A 205 -10.66 -17.81 4.13
CA LEU A 205 -10.76 -16.35 4.17
C LEU A 205 -10.97 -15.83 5.57
N VAL A 206 -10.17 -14.85 5.96
CA VAL A 206 -10.35 -14.17 7.21
C VAL A 206 -10.69 -12.73 6.87
N THR A 207 -11.89 -12.33 7.15
CA THR A 207 -12.40 -11.03 6.80
C THR A 207 -12.66 -10.09 7.94
N HIS A 208 -13.04 -8.87 7.62
CA HIS A 208 -13.20 -7.83 8.60
C HIS A 208 -14.14 -6.74 8.10
N ALA A 209 -15.14 -6.43 8.89
CA ALA A 209 -16.00 -5.31 8.58
C ALA A 209 -16.52 -5.31 7.16
N ALA A 210 -16.21 -4.30 6.38
CA ALA A 210 -16.63 -4.24 5.00
C ALA A 210 -16.28 -5.44 4.12
N SER A 211 -15.21 -6.16 4.44
CA SER A 211 -14.89 -7.33 3.68
C SER A 211 -15.67 -8.58 4.00
N GLY A 212 -16.47 -8.50 5.05
CA GLY A 212 -17.32 -9.60 5.41
C GLY A 212 -18.26 -10.07 4.31
N VAL A 213 -19.14 -9.18 3.88
CA VAL A 213 -20.03 -9.55 2.80
C VAL A 213 -19.30 -9.94 1.51
N LEU A 214 -18.16 -9.31 1.27
CA LEU A 214 -17.43 -9.58 0.10
C LEU A 214 -16.85 -11.00 0.15
N GLY A 215 -16.38 -11.43 1.28
CA GLY A 215 -15.87 -12.77 1.41
C GLY A 215 -16.94 -13.84 1.30
N MET A 216 -18.10 -13.52 1.82
CA MET A 216 -19.22 -14.43 1.63
C MET A 216 -19.53 -14.60 0.15
N ARG A 217 -19.53 -13.49 -0.55
CA ARG A 217 -19.77 -13.56 -1.97
C ARG A 217 -18.66 -14.37 -2.69
N VAL A 218 -17.41 -14.14 -2.34
CA VAL A 218 -16.34 -14.89 -2.95
C VAL A 218 -16.55 -16.40 -2.79
N ALA A 219 -16.92 -16.81 -1.58
CA ALA A 219 -17.14 -18.24 -1.32
C ALA A 219 -18.23 -18.86 -2.21
N THR A 220 -19.26 -18.11 -2.51
CA THR A 220 -20.33 -18.61 -3.36
C THR A 220 -19.87 -18.75 -4.80
N HIS A 221 -18.76 -18.10 -5.16
CA HIS A 221 -18.21 -18.20 -6.50
C HIS A 221 -16.98 -19.10 -6.57
N ALA A 222 -16.40 -19.50 -5.43
CA ALA A 222 -15.09 -20.13 -5.43
C ALA A 222 -15.08 -21.28 -4.42
N LYS A 223 -15.16 -22.52 -4.93
CA LYS A 223 -15.17 -23.69 -4.07
C LYS A 223 -13.88 -23.87 -3.30
N ASN A 224 -12.79 -23.21 -3.74
CA ASN A 224 -11.55 -23.28 -2.99
C ASN A 224 -11.65 -22.62 -1.62
N VAL A 225 -12.61 -21.73 -1.39
CA VAL A 225 -12.79 -21.18 -0.05
C VAL A 225 -13.36 -22.30 0.83
N ARG A 226 -12.56 -22.77 1.77
CA ARG A 226 -12.94 -23.91 2.60
C ARG A 226 -13.40 -23.50 4.00
N GLY A 227 -13.38 -22.22 4.31
CA GLY A 227 -13.84 -21.75 5.61
C GLY A 227 -13.75 -20.24 5.62
N ILE A 228 -14.56 -19.63 6.48
CA ILE A 228 -14.55 -18.18 6.64
C ILE A 228 -14.60 -17.86 8.12
N VAL A 229 -13.72 -16.98 8.56
CA VAL A 229 -13.85 -16.31 9.85
C VAL A 229 -13.96 -14.82 9.57
N ALA A 230 -15.05 -14.21 10.00
CA ALA A 230 -15.32 -12.80 9.71
C ALA A 230 -15.34 -12.03 11.02
N TYR A 231 -14.42 -11.10 11.18
CA TYR A 231 -14.40 -10.23 12.36
C TYR A 231 -15.34 -9.05 12.14
N GLU A 232 -16.39 -8.95 12.97
CA GLU A 232 -17.26 -7.78 12.99
C GLU A 232 -17.73 -7.38 11.59
N PRO A 233 -18.36 -8.29 10.84
CA PRO A 233 -18.80 -7.96 9.48
C PRO A 233 -19.84 -6.85 9.47
N ALA A 234 -19.77 -6.00 8.45
CA ALA A 234 -20.56 -4.78 8.41
C ALA A 234 -21.89 -4.93 7.67
N THR A 235 -22.00 -5.82 6.68
CA THR A 235 -23.22 -5.97 5.90
C THR A 235 -23.66 -7.42 5.93
N SER A 236 -24.94 -7.64 6.23
CA SER A 236 -25.54 -8.97 6.27
C SER A 236 -25.93 -9.44 4.86
N ILE A 237 -26.07 -10.76 4.72
CA ILE A 237 -26.36 -11.40 3.43
C ILE A 237 -27.48 -12.43 3.59
N PHE A 238 -28.40 -12.45 2.65
CA PHE A 238 -29.56 -13.32 2.68
C PHE A 238 -29.89 -13.81 1.28
N PRO A 239 -30.67 -14.88 1.16
CA PRO A 239 -31.20 -15.27 -0.14
C PRO A 239 -32.14 -14.19 -0.67
N LYS A 240 -32.15 -14.01 -1.99
CA LYS A 240 -33.03 -13.03 -2.63
C LYS A 240 -34.46 -13.28 -2.20
N GLY A 241 -35.15 -12.21 -1.79
CA GLY A 241 -36.54 -12.27 -1.43
C GLY A 241 -36.83 -12.84 -0.06
N LYS A 242 -35.80 -13.22 0.69
CA LYS A 242 -35.99 -13.81 2.01
C LYS A 242 -35.26 -13.03 3.09
N VAL A 243 -35.18 -11.71 2.95
CA VAL A 243 -34.64 -10.87 4.00
C VAL A 243 -35.66 -10.83 5.12
N PRO A 244 -35.29 -11.22 6.34
CA PRO A 244 -36.24 -11.18 7.46
C PRO A 244 -36.49 -9.74 7.91
N GLU A 245 -37.51 -9.59 8.75
CA GLU A 245 -37.81 -8.28 9.31
C GLU A 245 -36.69 -7.85 10.22
N ILE A 246 -36.09 -6.69 9.91
CA ILE A 246 -35.01 -6.12 10.69
C ILE A 246 -35.47 -4.75 11.16
N PRO A 247 -35.36 -4.48 12.49
CA PRO A 247 -35.89 -3.20 12.91
C PRO A 247 -35.04 -2.01 12.57
N PRO A 248 -35.61 -0.85 12.66
CA PRO A 248 -34.78 0.31 12.49
C PRO A 248 -33.95 0.52 13.74
N LEU A 249 -33.14 1.54 13.72
CA LEU A 249 -32.38 1.87 14.90
C LEU A 249 -33.25 2.58 15.94
N ALA A 250 -32.70 2.76 17.13
CA ALA A 250 -33.44 3.33 18.23
C ALA A 250 -33.92 4.72 17.94
N ASP A 251 -33.26 5.42 17.05
CA ASP A 251 -33.75 6.73 16.65
C ASP A 251 -35.04 6.68 15.84
N LYS A 252 -35.47 5.50 15.47
CA LYS A 252 -36.67 5.29 14.69
C LYS A 252 -36.64 5.99 13.37
N LYS A 253 -35.46 6.23 12.84
CA LYS A 253 -35.28 6.89 11.55
C LYS A 253 -34.23 6.17 10.70
N SER A 254 -33.19 5.73 11.35
CA SER A 254 -32.09 5.12 10.64
C SER A 254 -32.21 3.61 10.49
N GLN A 255 -31.50 3.08 9.52
CA GLN A 255 -31.49 1.65 9.27
C GLN A 255 -30.04 1.20 9.21
N ILE A 256 -29.83 -0.12 9.34
CA ILE A 256 -28.49 -0.67 9.14
C ILE A 256 -28.21 -0.71 7.64
N PHE A 257 -27.08 -1.26 7.25
CA PHE A 257 -26.76 -1.32 5.82
C PHE A 257 -27.74 -2.27 5.14
N PRO A 258 -28.34 -1.89 4.02
CA PRO A 258 -29.25 -2.81 3.31
C PRO A 258 -28.59 -4.16 3.11
N PRO A 259 -29.24 -5.24 3.55
CA PRO A 259 -28.62 -6.56 3.41
C PRO A 259 -28.44 -6.92 1.94
N PHE A 260 -27.33 -7.59 1.64
CA PHE A 260 -27.07 -8.04 0.29
C PHE A 260 -27.87 -9.30 0.02
N GLU A 261 -28.50 -9.36 -1.15
CA GLU A 261 -29.32 -10.51 -1.52
C GLU A 261 -28.68 -11.23 -2.70
N ILE A 262 -28.61 -12.56 -2.60
CA ILE A 262 -28.07 -13.39 -3.67
C ILE A 262 -29.04 -14.52 -3.96
N GLN A 263 -29.01 -15.00 -5.20
CA GLN A 263 -29.79 -16.16 -5.60
C GLN A 263 -29.55 -17.33 -4.64
N GLU A 264 -30.62 -18.05 -4.31
CA GLU A 264 -30.51 -19.12 -3.31
C GLU A 264 -29.54 -20.21 -3.74
N SER A 265 -29.41 -20.46 -5.05
CA SER A 265 -28.45 -21.47 -5.49
C SER A 265 -27.02 -21.09 -5.14
N TYR A 266 -26.71 -19.79 -5.10
CA TYR A 266 -25.39 -19.37 -4.63
C TYR A 266 -25.34 -19.33 -3.11
N PHE A 267 -26.41 -18.82 -2.47
CA PHE A 267 -26.43 -18.76 -1.02
C PHE A 267 -26.20 -20.14 -0.41
N LYS A 268 -26.74 -21.18 -1.05
CA LYS A 268 -26.62 -22.54 -0.53
C LYS A 268 -25.18 -22.99 -0.43
N LYS A 269 -24.28 -22.43 -1.25
CA LYS A 269 -22.88 -22.84 -1.14
C LYS A 269 -22.28 -22.45 0.20
N LEU A 270 -22.84 -21.43 0.88
CA LEU A 270 -22.36 -21.06 2.20
C LEU A 270 -22.62 -22.15 3.24
N ALA A 271 -23.55 -23.05 2.97
CA ALA A 271 -23.83 -24.14 3.89
C ALA A 271 -22.82 -25.27 3.80
N LYS A 272 -21.90 -25.22 2.84
CA LYS A 272 -20.97 -26.33 2.61
C LYS A 272 -19.65 -26.17 3.35
N ILE A 273 -19.41 -25.04 4.02
CA ILE A 273 -18.13 -24.78 4.67
C ILE A 273 -18.40 -24.20 6.04
N PRO A 274 -17.47 -24.38 6.98
CA PRO A 274 -17.62 -23.77 8.30
C PRO A 274 -17.42 -22.27 8.23
N ILE A 275 -18.32 -21.53 8.88
CA ILE A 275 -18.29 -20.08 8.89
C ILE A 275 -18.47 -19.60 10.33
N GLN A 276 -17.62 -18.68 10.77
CA GLN A 276 -17.71 -18.11 12.10
C GLN A 276 -17.65 -16.60 11.99
N PHE A 277 -18.62 -15.92 12.61
CA PHE A 277 -18.57 -14.47 12.75
C PHE A 277 -18.13 -14.16 14.18
N VAL A 278 -17.19 -13.25 14.33
CA VAL A 278 -16.61 -12.93 15.63
C VAL A 278 -16.94 -11.48 15.97
N PHE A 279 -17.51 -11.26 17.15
CA PHE A 279 -17.82 -9.92 17.61
C PHE A 279 -17.08 -9.61 18.90
N GLY A 280 -16.62 -8.36 19.02
CA GLY A 280 -16.03 -7.86 20.24
C GLY A 280 -17.06 -7.48 21.29
N ASP A 281 -16.69 -6.54 22.14
CA ASP A 281 -17.47 -6.18 23.32
C ASP A 281 -18.13 -4.83 23.11
N ASN A 282 -18.95 -4.47 24.10
CA ASN A 282 -19.59 -3.16 24.21
C ASN A 282 -20.63 -2.90 23.13
N ILE A 283 -21.19 -3.96 22.57
CA ILE A 283 -22.39 -3.85 21.73
C ILE A 283 -23.60 -3.91 22.66
N PRO A 284 -24.44 -2.88 22.69
CA PRO A 284 -25.55 -2.88 23.64
C PRO A 284 -26.57 -3.96 23.32
N LYS A 285 -27.18 -4.49 24.40
CA LYS A 285 -28.28 -5.42 24.22
C LYS A 285 -29.58 -4.70 23.94
N ASN A 286 -29.69 -3.50 24.46
CA ASN A 286 -30.90 -2.74 24.34
C ASN A 286 -30.73 -1.48 23.51
N PRO A 287 -31.84 -0.94 23.00
CA PRO A 287 -31.80 0.28 22.21
C PRO A 287 -31.02 1.42 22.86
N LYS A 288 -30.15 2.05 22.09
CA LYS A 288 -29.30 3.08 22.60
C LYS A 288 -29.35 4.28 21.68
N SER A 289 -30.37 5.10 21.88
CA SER A 289 -30.57 6.25 21.04
C SER A 289 -29.54 7.36 21.10
N ALA A 290 -28.83 7.44 22.21
CA ALA A 290 -27.83 8.48 22.37
C ALA A 290 -26.55 8.22 21.58
N TYR A 291 -26.32 6.97 21.14
CA TYR A 291 -25.04 6.58 20.54
C TYR A 291 -25.31 5.79 19.27
N TRP A 292 -25.34 6.51 18.16
CA TRP A 292 -25.83 5.94 16.90
C TRP A 292 -25.08 4.68 16.51
N PHE A 293 -23.74 4.71 16.58
CA PHE A 293 -23.00 3.55 16.09
C PHE A 293 -23.06 2.38 17.05
N LEU A 294 -23.22 2.61 18.35
CA LEU A 294 -23.44 1.49 19.26
C LEU A 294 -24.76 0.79 18.91
N ASP A 295 -25.80 1.58 18.67
CA ASP A 295 -27.09 0.99 18.31
C ASP A 295 -27.04 0.33 16.94
N TRP A 296 -26.29 0.93 16.02
CA TRP A 296 -26.10 0.32 14.69
C TRP A 296 -25.50 -1.07 14.82
N TRP A 297 -24.50 -1.23 15.68
CA TRP A 297 -23.90 -2.55 15.87
C TRP A 297 -24.88 -3.53 16.51
N ARG A 298 -25.70 -3.06 17.46
CA ARG A 298 -26.72 -3.93 18.04
C ARG A 298 -27.60 -4.54 16.95
N VAL A 299 -28.12 -3.70 16.06
CA VAL A 299 -29.04 -4.21 15.06
C VAL A 299 -28.30 -4.99 13.98
N THR A 300 -27.08 -4.56 13.64
CA THR A 300 -26.30 -5.28 12.64
C THR A 300 -25.93 -6.68 13.13
N ARG A 301 -25.49 -6.79 14.39
CA ARG A 301 -25.22 -8.11 14.95
C ARG A 301 -26.46 -8.99 14.91
N TYR A 302 -27.62 -8.41 15.22
CA TYR A 302 -28.88 -9.15 15.15
C TYR A 302 -29.14 -9.65 13.74
N ALA A 303 -28.95 -8.78 12.73
CA ALA A 303 -29.17 -9.20 11.35
C ALA A 303 -28.26 -10.35 10.97
N HIS A 304 -26.98 -10.28 11.35
CA HIS A 304 -26.08 -11.36 11.10
C HIS A 304 -26.49 -12.69 11.77
N SER A 305 -27.05 -12.61 12.96
CA SER A 305 -27.53 -13.81 13.63
C SER A 305 -28.58 -14.51 12.79
N LEU A 306 -29.44 -13.71 12.18
CA LEU A 306 -30.47 -14.25 11.30
C LEU A 306 -29.87 -14.85 10.04
N SER A 307 -28.84 -14.22 9.51
CA SER A 307 -28.17 -14.73 8.34
C SER A 307 -27.53 -16.07 8.61
N LEU A 308 -26.83 -16.17 9.71
CA LEU A 308 -26.24 -17.44 10.10
C LEU A 308 -27.31 -18.52 10.30
N GLU A 309 -28.45 -18.13 10.86
CA GLU A 309 -29.52 -19.07 11.05
C GLU A 309 -30.03 -19.60 9.72
N ALA A 310 -30.11 -18.74 8.72
CA ALA A 310 -30.55 -19.13 7.39
C ALA A 310 -29.60 -20.10 6.74
N ILE A 311 -28.32 -19.91 6.95
CA ILE A 311 -27.33 -20.85 6.45
C ILE A 311 -27.48 -22.23 7.14
N ASN A 312 -27.76 -22.21 8.44
CA ASN A 312 -27.88 -23.45 9.19
C ASN A 312 -29.15 -24.20 8.81
N LYS A 313 -30.16 -23.47 8.37
CA LYS A 313 -31.38 -24.13 7.92
C LYS A 313 -31.21 -24.77 6.56
N LEU A 314 -30.10 -24.48 5.92
CA LEU A 314 -29.77 -25.11 4.66
C LEU A 314 -28.71 -26.19 4.83
N GLY A 315 -28.52 -26.65 6.07
CA GLY A 315 -27.57 -27.69 6.35
C GLY A 315 -26.18 -27.21 6.72
N GLY A 316 -26.02 -25.91 6.99
CA GLY A 316 -24.70 -25.35 7.18
C GLY A 316 -24.18 -25.48 8.60
N GLN A 317 -23.01 -24.88 8.82
CA GLN A 317 -22.33 -24.89 10.10
C GLN A 317 -21.78 -23.50 10.33
N ALA A 318 -22.69 -22.57 10.60
CA ALA A 318 -22.39 -21.15 10.75
C ALA A 318 -22.62 -20.74 12.20
N SER A 319 -21.62 -20.12 12.80
CA SER A 319 -21.68 -19.79 14.22
C SER A 319 -21.34 -18.32 14.45
N LEU A 320 -21.82 -17.81 15.57
CA LEU A 320 -21.52 -16.46 16.03
C LEU A 320 -20.73 -16.59 17.33
N LEU A 321 -19.53 -16.05 17.35
CA LEU A 321 -18.68 -16.05 18.53
C LEU A 321 -18.62 -14.65 19.10
N ASP A 322 -19.23 -14.45 20.27
CA ASP A 322 -19.08 -13.21 21.01
C ASP A 322 -17.86 -13.37 21.92
N LEU A 323 -16.82 -12.58 21.69
CA LEU A 323 -15.60 -12.71 22.48
C LEU A 323 -15.82 -12.68 23.98
N PRO A 324 -16.71 -11.85 24.54
CA PRO A 324 -16.93 -11.90 25.99
C PRO A 324 -17.35 -13.27 26.51
N THR A 325 -18.12 -14.04 25.73
CA THR A 325 -18.48 -15.39 26.16
C THR A 325 -17.28 -16.30 26.24
N ALA A 326 -16.22 -16.03 25.47
CA ALA A 326 -14.98 -16.79 25.54
C ALA A 326 -14.02 -16.27 26.60
N GLY A 327 -14.45 -15.30 27.41
CA GLY A 327 -13.62 -14.77 28.46
C GLY A 327 -12.78 -13.57 28.09
N LEU A 328 -12.99 -13.00 26.92
CA LEU A 328 -12.23 -11.85 26.44
C LEU A 328 -13.13 -10.63 26.51
N ARG A 329 -12.75 -9.65 27.34
CA ARG A 329 -13.56 -8.46 27.56
C ARG A 329 -12.89 -7.23 26.95
N GLY A 330 -13.72 -6.34 26.41
CA GLY A 330 -13.28 -5.02 25.99
C GLY A 330 -12.81 -4.89 24.56
N ASN A 331 -12.98 -5.91 23.74
CA ASN A 331 -12.46 -5.81 22.38
C ASN A 331 -13.22 -4.78 21.56
N THR A 332 -12.47 -4.08 20.71
CA THR A 332 -13.02 -3.13 19.74
C THR A 332 -13.46 -3.92 18.50
N ALA A 333 -13.83 -3.18 17.46
CA ALA A 333 -14.18 -3.78 16.17
C ALA A 333 -12.97 -4.25 15.38
N PHE A 334 -11.75 -4.11 15.92
CA PHE A 334 -10.53 -4.66 15.33
C PHE A 334 -9.89 -5.58 16.37
N PRO A 335 -10.52 -6.71 16.71
CA PRO A 335 -9.98 -7.52 17.82
C PRO A 335 -8.56 -8.01 17.54
N PHE A 336 -8.21 -8.18 16.27
CA PHE A 336 -6.91 -8.70 15.84
C PHE A 336 -5.79 -7.66 15.97
N THR A 337 -6.08 -6.39 16.30
CA THR A 337 -5.01 -5.47 16.67
C THR A 337 -5.11 -4.97 18.11
N ASP A 338 -6.10 -5.44 18.87
CA ASP A 338 -6.27 -5.04 20.26
C ASP A 338 -5.15 -5.61 21.12
N ARG A 339 -5.09 -5.17 22.38
CA ARG A 339 -4.02 -5.58 23.29
C ARG A 339 -4.03 -7.08 23.56
N ASN A 340 -5.19 -7.74 23.49
CA ASN A 340 -5.29 -9.18 23.69
C ASN A 340 -5.33 -9.93 22.37
N ASN A 341 -4.72 -9.39 21.32
CA ASN A 341 -4.84 -10.03 20.02
C ASN A 341 -4.22 -11.42 19.98
N VAL A 342 -3.29 -11.75 20.88
CA VAL A 342 -2.78 -13.11 20.94
C VAL A 342 -3.88 -14.09 21.36
N GLN A 343 -4.73 -13.68 22.28
CA GLN A 343 -5.83 -14.55 22.76
C GLN A 343 -6.89 -14.66 21.66
N VAL A 344 -7.11 -13.56 20.93
CA VAL A 344 -8.02 -13.62 19.77
C VAL A 344 -7.47 -14.60 18.74
N ALA A 345 -6.17 -14.52 18.48
CA ALA A 345 -5.54 -15.43 17.53
C ALA A 345 -5.70 -16.87 17.98
N SER A 346 -5.60 -17.12 19.28
CA SER A 346 -5.74 -18.49 19.76
C SER A 346 -7.12 -19.07 19.44
N LEU A 347 -8.15 -18.22 19.49
CA LEU A 347 -9.50 -18.67 19.16
C LEU A 347 -9.64 -18.94 17.67
N LEU A 348 -8.90 -18.20 16.83
CA LEU A 348 -8.89 -18.50 15.40
C LEU A 348 -8.19 -19.83 15.12
N SER A 349 -7.03 -20.06 15.77
CA SER A 349 -6.38 -21.37 15.69
C SER A 349 -7.32 -22.49 16.11
N ASP A 350 -8.11 -22.26 17.16
CA ASP A 350 -9.04 -23.29 17.63
C ASP A 350 -10.07 -23.64 16.55
N PHE A 351 -10.60 -22.61 15.87
CA PHE A 351 -11.55 -22.85 14.78
C PHE A 351 -10.90 -23.62 13.66
N LEU A 352 -9.69 -23.21 13.26
CA LEU A 352 -8.98 -23.92 12.19
C LEU A 352 -8.74 -25.38 12.58
N GLY A 353 -8.40 -25.63 13.85
CA GLY A 353 -8.10 -26.98 14.26
C GLY A 353 -9.34 -27.86 14.35
N LYS A 354 -10.44 -27.30 14.86
CA LYS A 354 -11.71 -28.03 14.91
C LYS A 354 -12.10 -28.55 13.53
N HIS A 355 -11.91 -27.73 12.50
CA HIS A 355 -12.38 -28.06 11.16
C HIS A 355 -11.30 -28.65 10.27
N GLY A 356 -10.20 -29.02 10.84
CA GLY A 356 -9.15 -29.68 10.08
C GLY A 356 -8.46 -28.82 9.05
N LEU A 357 -8.57 -27.54 9.22
CA LEU A 357 -7.95 -26.60 8.30
C LEU A 357 -6.48 -26.33 8.64
N ASP A 358 -5.96 -26.96 9.65
CA ASP A 358 -4.57 -26.82 10.05
C ASP A 358 -3.82 -28.15 9.83
N GLN A 359 -4.42 -29.02 9.04
CA GLN A 359 -3.81 -30.34 8.72
C GLN A 359 -3.66 -30.45 7.24
N ASN A 360 -2.63 -31.15 6.81
CA ASN A 360 -2.39 -31.34 5.40
C ASN A 360 -3.23 -32.50 4.84
N LYS B 12 18.17 -19.09 -1.09
CA LYS B 12 17.81 -18.01 -2.00
C LYS B 12 16.43 -17.39 -1.76
N ARG B 13 15.42 -18.20 -1.48
CA ARG B 13 14.15 -17.59 -1.14
C ARG B 13 13.96 -17.48 0.36
N LYS B 14 14.68 -18.30 1.10
CA LYS B 14 14.56 -18.30 2.53
C LYS B 14 15.03 -17.06 3.23
N VAL B 15 14.26 -16.56 4.16
CA VAL B 15 14.62 -15.37 4.93
C VAL B 15 14.34 -15.58 6.40
N VAL B 16 15.26 -15.20 7.22
CA VAL B 16 15.09 -15.33 8.67
C VAL B 16 15.03 -13.93 9.29
N LEU B 17 13.90 -13.63 9.93
CA LEU B 17 13.68 -12.29 10.47
C LEU B 17 13.67 -12.36 11.99
N ALA B 18 14.54 -11.57 12.61
CA ALA B 18 14.42 -11.36 14.05
C ALA B 18 13.10 -10.68 14.39
N GLU B 19 12.63 -9.79 13.53
CA GLU B 19 11.35 -9.14 13.71
C GLU B 19 10.96 -8.49 12.40
N GLN B 20 9.66 -8.26 12.24
CA GLN B 20 9.14 -7.52 11.11
C GLN B 20 7.92 -6.76 11.59
N GLY B 21 7.54 -5.76 10.81
CA GLY B 21 6.32 -5.03 11.13
C GLY B 21 6.19 -3.80 10.26
N SER B 22 5.19 -3.00 10.58
CA SER B 22 4.98 -1.76 9.87
C SER B 22 4.36 -0.75 10.82
N PHE B 23 4.46 0.51 10.43
CA PHE B 23 3.92 1.61 11.22
C PHE B 23 3.71 2.82 10.33
N TYR B 24 2.96 3.78 10.84
CA TYR B 24 2.75 5.06 10.19
C TYR B 24 3.56 6.13 10.89
N ILE B 25 4.08 7.08 10.10
CA ILE B 25 4.87 8.18 10.67
C ILE B 25 4.65 9.42 9.83
N GLY B 26 4.79 10.59 10.45
CA GLY B 26 4.63 11.83 9.75
C GLY B 26 3.17 12.20 9.53
N GLY B 27 3.01 13.29 8.82
CA GLY B 27 1.68 13.78 8.59
C GLY B 27 1.20 14.87 9.51
N ARG B 28 0.03 15.36 9.18
CA ARG B 28 -0.60 16.37 9.99
C ARG B 28 -2.10 16.13 10.02
N THR B 29 -2.82 17.03 10.66
CA THR B 29 -4.25 16.92 10.69
C THR B 29 -4.94 18.16 10.15
N VAL B 30 -6.12 17.98 9.61
CA VAL B 30 -6.94 19.08 9.16
C VAL B 30 -8.34 18.83 9.69
N THR B 31 -9.15 19.87 9.79
CA THR B 31 -10.45 19.76 10.39
C THR B 31 -11.58 20.39 9.60
N GLY B 32 -12.74 19.80 9.70
CA GLY B 32 -13.91 20.38 9.11
C GLY B 32 -14.58 21.30 10.12
N PRO B 33 -15.69 21.86 9.71
CA PRO B 33 -16.41 22.80 10.56
C PRO B 33 -17.33 22.11 11.54
N GLY B 34 -17.66 22.79 12.59
CA GLY B 34 -18.59 22.26 13.53
C GLY B 34 -18.21 21.26 14.59
N LYS B 35 -19.20 20.57 15.07
CA LYS B 35 -19.02 19.66 16.15
C LYS B 35 -19.60 18.30 15.81
N PHE B 36 -18.98 17.25 16.32
CA PHE B 36 -19.43 15.90 16.05
C PHE B 36 -20.42 15.46 17.11
N ASP B 37 -21.61 15.03 16.68
CA ASP B 37 -22.66 14.58 17.59
C ASP B 37 -22.82 13.07 17.45
N PRO B 38 -22.42 12.27 18.45
CA PRO B 38 -22.49 10.80 18.29
C PRO B 38 -23.91 10.24 18.25
N SER B 39 -24.94 11.04 18.52
CA SER B 39 -26.30 10.54 18.43
C SER B 39 -26.87 10.63 17.02
N LYS B 40 -26.23 11.39 16.15
CA LYS B 40 -26.72 11.59 14.81
C LYS B 40 -26.10 10.56 13.87
N PRO B 41 -26.75 10.25 12.75
CA PRO B 41 -26.23 9.20 11.87
C PRO B 41 -24.81 9.50 11.43
N VAL B 42 -23.91 8.53 11.67
CA VAL B 42 -22.50 8.72 11.35
C VAL B 42 -22.24 8.43 9.89
N ILE B 43 -23.10 7.64 9.26
CA ILE B 43 -22.97 7.27 7.86
C ILE B 43 -24.25 7.69 7.15
N PRO B 44 -24.16 8.36 5.99
CA PRO B 44 -22.95 8.72 5.23
C PRO B 44 -22.02 9.69 5.96
N TYR B 45 -20.74 9.52 5.72
CA TYR B 45 -19.74 10.31 6.40
C TYR B 45 -19.83 11.79 6.12
N SER B 46 -19.53 12.58 7.12
CA SER B 46 -19.57 14.00 7.04
C SER B 46 -18.27 14.66 7.45
N ASN B 47 -18.03 15.86 6.92
CA ASN B 47 -16.89 16.66 7.35
C ASN B 47 -17.22 17.45 8.64
N GLU B 48 -18.47 17.39 9.07
CA GLU B 48 -18.87 18.05 10.34
C GLU B 48 -18.22 17.53 11.59
N GLY B 49 -17.52 18.40 12.28
CA GLY B 49 -16.79 18.00 13.45
C GLY B 49 -15.64 17.03 13.17
N ALA B 50 -15.16 17.05 11.97
CA ALA B 50 -14.15 16.10 11.58
C ALA B 50 -12.74 16.43 11.73
N THR B 51 -11.94 15.47 12.19
CA THR B 51 -10.50 15.59 12.20
C THR B 51 -10.01 14.53 11.20
N PHE B 52 -9.18 14.93 10.26
CA PHE B 52 -8.63 14.01 9.27
C PHE B 52 -7.11 14.01 9.40
N TYR B 53 -6.52 12.82 9.48
CA TYR B 53 -5.07 12.67 9.38
C TYR B 53 -4.66 12.62 7.91
N ILE B 54 -3.75 13.51 7.50
CA ILE B 54 -3.34 13.60 6.11
C ILE B 54 -1.83 13.56 5.98
N ASN B 55 -1.38 13.04 4.84
CA ASN B 55 0.01 13.11 4.39
C ASN B 55 0.98 12.26 5.23
N GLN B 56 0.45 11.32 6.01
CA GLN B 56 1.28 10.35 6.72
C GLN B 56 1.87 9.31 5.75
N MET B 57 2.95 8.69 6.19
CA MET B 57 3.71 7.73 5.40
C MET B 57 3.63 6.34 6.03
N TYR B 58 3.53 5.32 5.20
CA TYR B 58 3.61 3.94 5.66
C TYR B 58 5.05 3.43 5.59
N VAL B 59 5.45 2.70 6.62
CA VAL B 59 6.82 2.17 6.71
C VAL B 59 6.74 0.70 7.10
N ASN B 60 7.43 -0.16 6.35
CA ASN B 60 7.59 -1.56 6.68
C ASN B 60 9.06 -1.82 7.03
N PHE B 61 9.31 -2.66 8.03
CA PHE B 61 10.68 -3.05 8.35
C PHE B 61 10.80 -4.55 8.50
N GLN B 62 11.97 -5.07 8.10
CA GLN B 62 12.35 -6.46 8.32
C GLN B 62 13.80 -6.47 8.81
N ALA B 63 14.02 -7.06 9.98
CA ALA B 63 15.35 -7.05 10.58
C ALA B 63 15.88 -8.47 10.63
N PRO B 64 17.10 -8.70 10.15
CA PRO B 64 17.69 -10.04 10.26
C PRO B 64 18.17 -10.28 11.69
N VAL B 65 18.52 -11.55 11.95
CA VAL B 65 19.22 -11.88 13.18
C VAL B 65 20.66 -11.37 13.06
N ARG B 66 21.14 -10.71 14.10
CA ARG B 66 22.51 -10.18 14.13
C ARG B 66 22.78 -9.31 12.91
N PRO B 67 22.12 -8.15 12.79
CA PRO B 67 22.38 -7.26 11.65
C PRO B 67 23.80 -6.72 11.72
N ARG B 68 24.34 -6.39 10.55
CA ARG B 68 25.70 -5.89 10.44
C ARG B 68 25.70 -4.65 9.56
N GLY B 69 26.06 -3.51 10.12
CA GLY B 69 26.04 -2.28 9.39
C GLY B 69 24.70 -1.57 9.50
N LEU B 70 24.55 -0.55 8.68
CA LEU B 70 23.45 0.39 8.84
C LEU B 70 22.17 -0.14 8.19
N PRO B 71 21.01 0.19 8.75
CA PRO B 71 19.75 -0.10 8.05
C PRO B 71 19.68 0.65 6.73
N LEU B 72 19.03 0.01 5.77
CA LEU B 72 18.78 0.58 4.44
C LEU B 72 17.33 1.00 4.35
N VAL B 73 17.09 2.20 3.80
CA VAL B 73 15.75 2.70 3.55
C VAL B 73 15.55 2.73 2.04
N PHE B 74 14.70 1.85 1.53
CA PHE B 74 14.42 1.77 0.10
C PHE B 74 13.21 2.64 -0.21
N TRP B 75 13.39 3.58 -1.16
CA TRP B 75 12.43 4.63 -1.45
C TRP B 75 12.04 4.54 -2.92
N HIS B 76 10.84 4.05 -3.18
CA HIS B 76 10.34 3.82 -4.53
C HIS B 76 10.27 5.11 -5.33
N GLY B 77 10.32 4.95 -6.65
CA GLY B 77 10.19 6.07 -7.56
C GLY B 77 8.76 6.52 -7.77
N GLY B 78 8.60 7.39 -8.77
CA GLY B 78 7.33 8.08 -8.97
C GLY B 78 6.22 7.11 -9.34
N GLY B 79 5.08 7.24 -8.66
CA GLY B 79 3.92 6.42 -8.96
C GLY B 79 4.03 4.98 -8.54
N LEU B 80 4.98 4.66 -7.67
CA LEU B 80 5.27 3.29 -7.27
C LEU B 80 5.02 3.13 -5.76
N THR B 81 5.33 1.94 -5.26
CA THR B 81 5.21 1.63 -3.84
C THR B 81 6.36 0.72 -3.44
N GLY B 82 6.40 0.35 -2.17
CA GLY B 82 7.43 -0.56 -1.68
C GLY B 82 7.38 -1.94 -2.32
N HIS B 83 6.33 -2.25 -3.07
CA HIS B 83 6.27 -3.52 -3.78
C HIS B 83 7.51 -3.74 -4.64
N ILE B 84 8.04 -2.68 -5.25
CA ILE B 84 9.14 -2.86 -6.19
C ILE B 84 10.40 -3.37 -5.51
N TRP B 85 10.52 -3.20 -4.20
CA TRP B 85 11.64 -3.76 -3.45
C TRP B 85 11.32 -5.14 -2.89
N GLU B 86 10.06 -5.55 -2.89
CA GLU B 86 9.66 -6.84 -2.34
C GLU B 86 9.91 -7.96 -3.32
N SER B 87 9.48 -7.76 -4.57
CA SER B 87 9.50 -8.80 -5.59
C SER B 87 9.60 -8.14 -6.94
N THR B 88 10.18 -8.87 -7.90
CA THR B 88 10.20 -8.45 -9.27
C THR B 88 8.86 -8.80 -9.92
N PRO B 89 8.57 -8.24 -11.09
CA PRO B 89 7.28 -8.55 -11.76
C PRO B 89 7.04 -10.03 -11.98
N ASP B 90 8.11 -10.81 -12.19
CA ASP B 90 8.00 -12.24 -12.39
C ASP B 90 8.21 -13.03 -11.11
N GLY B 91 8.18 -12.36 -9.96
CA GLY B 91 8.12 -13.06 -8.69
C GLY B 91 9.45 -13.50 -8.12
N ARG B 92 10.56 -12.98 -8.62
CA ARG B 92 11.84 -13.26 -8.00
C ARG B 92 12.04 -12.33 -6.79
N PRO B 93 12.92 -12.69 -5.87
CA PRO B 93 13.13 -11.84 -4.69
C PRO B 93 13.59 -10.44 -5.07
N GLY B 94 13.00 -9.45 -4.39
CA GLY B 94 13.45 -8.07 -4.50
C GLY B 94 14.57 -7.76 -3.53
N PHE B 95 15.02 -6.50 -3.59
CA PHE B 95 16.13 -6.04 -2.76
C PHE B 95 15.84 -6.16 -1.27
N GLN B 96 14.56 -6.11 -0.86
CA GLN B 96 14.22 -6.31 0.54
C GLN B 96 14.75 -7.65 1.03
N THR B 97 14.35 -8.73 0.36
CA THR B 97 14.85 -10.06 0.72
C THR B 97 16.37 -10.14 0.56
N LEU B 98 16.90 -9.63 -0.56
CA LEU B 98 18.34 -9.78 -0.82
C LEU B 98 19.16 -9.12 0.27
N PHE B 99 18.75 -7.96 0.75
CA PHE B 99 19.52 -7.24 1.76
C PHE B 99 19.31 -7.68 3.20
N VAL B 100 18.18 -8.28 3.48
CA VAL B 100 18.00 -8.90 4.78
C VAL B 100 18.93 -10.12 4.81
N GLN B 101 19.02 -10.83 3.71
CA GLN B 101 19.96 -11.95 3.60
C GLN B 101 21.39 -11.43 3.70
N ASP B 102 21.65 -10.21 3.28
CA ASP B 102 22.99 -9.57 3.39
C ASP B 102 23.19 -8.92 4.75
N ARG B 103 22.35 -9.27 5.70
CA ARG B 103 22.48 -8.81 7.08
C ARG B 103 22.20 -7.38 7.39
N HIS B 104 21.36 -6.75 6.59
CA HIS B 104 20.96 -5.41 6.94
C HIS B 104 19.49 -5.35 7.30
N THR B 105 19.17 -4.53 8.27
CA THR B 105 17.78 -4.23 8.54
C THR B 105 17.27 -3.41 7.33
N VAL B 106 16.07 -3.73 6.87
CA VAL B 106 15.56 -3.12 5.65
C VAL B 106 14.24 -2.44 5.94
N TYR B 107 14.18 -1.14 5.65
CA TYR B 107 12.93 -0.38 5.69
C TYR B 107 12.48 -0.13 4.26
N THR B 108 11.20 -0.36 4.00
CA THR B 108 10.58 -0.04 2.72
C THR B 108 9.38 0.87 3.02
N ILE B 109 9.25 1.94 2.25
CA ILE B 109 8.23 2.94 2.53
C ILE B 109 7.24 3.04 1.38
N ASP B 110 6.02 3.43 1.71
CA ASP B 110 5.07 3.96 0.74
C ASP B 110 4.93 5.43 1.12
N GLN B 111 5.49 6.32 0.31
CA GLN B 111 5.56 7.72 0.68
C GLN B 111 4.15 8.32 0.73
N PRO B 112 3.99 9.47 1.37
CA PRO B 112 2.68 10.14 1.35
C PRO B 112 2.15 10.28 -0.06
N GLY B 113 0.89 9.89 -0.25
CA GLY B 113 0.26 9.98 -1.54
C GLY B 113 0.35 8.73 -2.39
N ARG B 114 1.06 7.70 -1.92
CA ARG B 114 1.27 6.49 -2.70
C ARG B 114 1.02 5.25 -1.86
N GLY B 115 0.37 4.26 -2.47
CA GLY B 115 0.14 2.99 -1.79
C GLY B 115 -0.48 3.11 -0.42
N ARG B 116 0.18 2.56 0.60
CA ARG B 116 -0.36 2.59 1.95
C ARG B 116 -0.17 3.94 2.62
N GLY B 117 0.58 4.85 2.00
CA GLY B 117 0.59 6.23 2.46
C GLY B 117 -0.77 6.88 2.28
N ASN B 118 -0.96 8.01 2.93
CA ASN B 118 -2.26 8.67 2.88
C ASN B 118 -2.50 9.33 1.53
N ILE B 119 -3.72 9.17 1.02
CA ILE B 119 -4.22 10.00 -0.08
C ILE B 119 -5.21 10.98 0.51
N PRO B 120 -4.88 12.27 0.60
CA PRO B 120 -5.72 13.22 1.35
C PRO B 120 -7.00 13.64 0.62
N THR B 121 -8.10 12.96 0.91
CA THR B 121 -9.39 13.33 0.36
C THR B 121 -10.46 13.09 1.42
N PHE B 122 -11.63 13.67 1.21
CA PHE B 122 -12.59 13.88 2.28
C PHE B 122 -13.99 13.58 1.78
N ASN B 123 -14.99 14.30 2.27
CA ASN B 123 -16.34 14.21 1.75
C ASN B 123 -16.56 15.41 0.84
N GLY B 124 -16.57 15.16 -0.46
CA GLY B 124 -16.61 16.20 -1.46
C GLY B 124 -15.69 15.87 -2.63
N PRO B 125 -15.56 16.81 -3.57
CA PRO B 125 -14.68 16.58 -4.72
C PRO B 125 -13.27 16.24 -4.26
N PHE B 126 -12.62 15.34 -5.00
CA PHE B 126 -11.33 14.78 -4.60
C PHE B 126 -10.38 15.88 -4.14
N GLY B 127 -9.80 15.68 -2.95
CA GLY B 127 -8.79 16.55 -2.43
C GLY B 127 -9.30 17.80 -1.74
N GLN B 128 -10.60 18.01 -1.71
CA GLN B 128 -11.18 19.25 -1.18
C GLN B 128 -11.86 19.06 0.15
N LEU B 129 -11.47 19.89 1.11
CA LEU B 129 -12.08 19.90 2.45
C LEU B 129 -12.81 21.24 2.56
N GLU B 130 -14.09 21.21 2.33
CA GLU B 130 -14.86 22.45 2.23
C GLU B 130 -14.19 23.39 1.22
N GLU B 131 -13.78 24.56 1.66
CA GLU B 131 -13.17 25.55 0.79
C GLU B 131 -11.67 25.44 0.61
N GLU B 132 -11.05 24.45 1.23
CA GLU B 132 -9.63 24.29 1.11
C GLU B 132 -9.26 23.17 0.16
N SER B 133 -8.31 23.45 -0.72
CA SER B 133 -7.82 22.45 -1.64
C SER B 133 -6.56 21.86 -1.04
N ILE B 134 -6.66 20.66 -0.50
CA ILE B 134 -5.52 20.01 0.11
C ILE B 134 -4.68 19.48 -1.03
N VAL B 135 -5.30 18.77 -1.97
CA VAL B 135 -4.64 18.39 -3.22
C VAL B 135 -5.61 18.66 -4.37
N ASN B 136 -5.06 18.70 -5.58
CA ASN B 136 -5.86 19.05 -6.75
C ASN B 136 -6.86 17.96 -7.09
N THR B 137 -8.05 18.40 -7.55
CA THR B 137 -9.05 17.45 -8.01
C THR B 137 -8.67 16.85 -9.36
N VAL B 138 -7.97 17.61 -10.19
CA VAL B 138 -7.46 17.10 -11.46
C VAL B 138 -6.19 16.32 -11.19
N THR B 139 -6.15 15.07 -11.65
CA THR B 139 -4.99 14.22 -11.46
C THR B 139 -4.20 14.09 -12.76
N GLY B 140 -2.99 13.58 -12.63
CA GLY B 140 -2.22 13.11 -13.76
C GLY B 140 -1.75 11.70 -13.49
N ASN B 141 -1.51 10.96 -14.58
CA ASN B 141 -1.08 9.57 -14.44
C ASN B 141 -0.51 9.11 -15.77
N SER B 142 0.63 8.41 -15.72
CA SER B 142 1.23 7.87 -16.94
C SER B 142 0.38 6.74 -17.48
N SER B 143 0.44 6.56 -18.78
CA SER B 143 -0.10 5.39 -19.44
C SER B 143 0.93 4.26 -19.45
N LYS B 144 0.47 3.07 -19.81
CA LYS B 144 1.38 1.95 -20.06
C LYS B 144 2.44 2.35 -21.08
N GLU B 145 1.99 3.03 -22.14
CA GLU B 145 2.89 3.43 -23.21
C GLU B 145 3.91 4.46 -22.73
N GLY B 146 3.47 5.43 -21.93
CA GLY B 146 4.39 6.42 -21.41
C GLY B 146 5.42 5.80 -20.50
N ALA B 147 4.98 4.84 -19.66
CA ALA B 147 5.91 4.18 -18.75
C ALA B 147 6.87 3.29 -19.51
N TRP B 148 6.40 2.64 -20.58
CA TRP B 148 7.27 1.76 -21.36
C TRP B 148 8.52 2.51 -21.84
N VAL B 149 8.32 3.70 -22.40
CA VAL B 149 9.45 4.46 -22.92
C VAL B 149 10.22 5.17 -21.81
N ARG B 150 9.51 5.66 -20.78
CA ARG B 150 10.17 6.26 -19.61
C ARG B 150 11.17 5.30 -19.01
N ASP B 151 10.79 4.04 -18.86
CA ASP B 151 11.63 3.07 -18.17
C ASP B 151 12.62 2.39 -19.11
N ARG B 152 12.61 2.76 -20.38
CA ARG B 152 13.57 2.25 -21.36
C ARG B 152 13.49 0.73 -21.53
N LEU B 153 12.26 0.19 -21.51
CA LEU B 153 12.08 -1.19 -21.96
C LEU B 153 12.49 -1.32 -23.41
N GLY B 154 12.13 -0.32 -24.21
CA GLY B 154 12.45 -0.26 -25.62
C GLY B 154 12.16 1.15 -26.10
N PRO B 155 12.44 1.43 -27.40
CA PRO B 155 12.22 2.80 -27.83
C PRO B 155 10.76 3.16 -28.10
N ALA B 156 9.94 2.16 -28.27
CA ALA B 156 8.52 2.36 -28.48
C ALA B 156 7.79 1.23 -27.75
N PRO B 157 6.54 1.47 -27.40
CA PRO B 157 5.76 0.41 -26.77
C PRO B 157 5.65 -0.88 -27.58
N GLY B 158 5.85 -2.02 -26.92
CA GLY B 158 5.81 -3.30 -27.57
C GLY B 158 7.18 -3.75 -27.95
N GLN B 159 8.13 -2.84 -27.98
CA GLN B 159 9.49 -3.12 -28.44
C GLN B 159 10.48 -3.22 -27.31
N PHE B 160 11.44 -4.11 -27.45
CA PHE B 160 12.48 -4.26 -26.45
C PHE B 160 13.84 -4.04 -27.03
N PHE B 161 14.70 -3.38 -26.29
CA PHE B 161 16.07 -3.27 -26.70
C PHE B 161 16.70 -4.67 -26.77
N GLU B 162 17.64 -4.81 -27.68
CA GLU B 162 18.32 -6.08 -27.84
C GLU B 162 18.88 -6.70 -26.61
N ASN B 163 19.47 -5.89 -25.77
CA ASN B 163 20.12 -6.46 -24.63
C ASN B 163 19.27 -6.67 -23.38
N SER B 164 17.98 -6.57 -23.52
CA SER B 164 17.10 -6.51 -22.37
C SER B 164 17.11 -7.42 -21.23
N GLN B 165 17.13 -6.78 -20.06
CA GLN B 165 17.03 -7.53 -18.82
C GLN B 165 15.63 -7.41 -18.22
N PHE B 166 14.73 -6.80 -18.96
CA PHE B 166 13.37 -6.75 -18.46
C PHE B 166 12.82 -8.17 -18.36
N PRO B 167 12.04 -8.48 -17.33
CA PRO B 167 11.39 -9.80 -17.25
C PRO B 167 10.22 -9.92 -18.23
N ARG B 168 10.59 -10.10 -19.49
CA ARG B 168 9.62 -10.15 -20.57
C ARG B 168 8.59 -11.25 -20.33
N GLY B 169 7.33 -10.96 -20.66
CA GLY B 169 6.21 -11.81 -20.35
C GLY B 169 5.43 -11.36 -19.13
N TYR B 170 6.01 -10.49 -18.31
CA TYR B 170 5.39 -10.03 -17.07
C TYR B 170 5.05 -8.55 -17.15
N GLU B 171 4.73 -8.08 -18.35
CA GLU B 171 4.36 -6.68 -18.56
C GLU B 171 3.12 -6.33 -17.75
N ASP B 172 2.11 -7.19 -17.74
CA ASP B 172 0.90 -6.89 -16.96
C ASP B 172 1.24 -6.68 -15.49
N ASN B 173 2.03 -7.59 -14.90
CA ASN B 173 2.41 -7.44 -13.49
C ASN B 173 3.13 -6.12 -13.26
N TYR B 174 4.06 -5.81 -14.15
CA TYR B 174 4.90 -4.62 -14.01
C TYR B 174 4.06 -3.35 -14.06
N PHE B 175 3.25 -3.19 -15.10
CA PHE B 175 2.52 -1.93 -15.22
C PHE B 175 1.42 -1.81 -14.17
N LYS B 176 0.90 -2.93 -13.65
CA LYS B 176 -0.11 -2.88 -12.61
C LYS B 176 0.40 -2.27 -11.31
N GLU B 177 1.72 -2.21 -11.12
CA GLU B 177 2.28 -1.67 -9.88
C GLU B 177 2.30 -0.15 -9.86
N MET B 178 1.98 0.51 -10.97
CA MET B 178 2.13 1.95 -11.15
C MET B 178 0.80 2.67 -11.03
N GLY B 179 0.84 3.89 -10.50
CA GLY B 179 -0.38 4.66 -10.38
C GLY B 179 -0.11 6.14 -10.19
N PHE B 180 -1.19 6.88 -9.95
CA PHE B 180 -1.11 8.33 -9.84
C PHE B 180 -0.58 8.75 -8.47
N SER B 181 -0.14 10.02 -8.41
CA SER B 181 0.22 10.66 -7.15
C SER B 181 -0.58 11.95 -7.00
N PRO B 182 -1.30 12.15 -5.91
CA PRO B 182 -1.95 13.44 -5.68
C PRO B 182 -0.90 14.52 -5.43
N SER B 183 -1.33 15.78 -5.53
CA SER B 183 -0.41 16.91 -5.53
C SER B 183 0.10 17.31 -4.14
N ILE B 184 0.45 16.33 -3.30
CA ILE B 184 1.09 16.63 -2.03
C ILE B 184 2.40 17.34 -2.30
N SER B 185 2.69 18.37 -1.52
CA SER B 185 3.92 19.12 -1.73
C SER B 185 5.12 18.24 -1.45
N SER B 186 6.17 18.42 -2.24
CA SER B 186 7.40 17.69 -2.00
C SER B 186 7.96 17.99 -0.61
N ASP B 187 7.70 19.21 -0.10
CA ASP B 187 8.15 19.56 1.24
C ASP B 187 7.62 18.58 2.27
N GLU B 188 6.34 18.21 2.14
CA GLU B 188 5.75 17.30 3.12
C GLU B 188 6.20 15.86 2.92
N ILE B 189 6.54 15.48 1.70
CA ILE B 189 7.09 14.13 1.48
C ILE B 189 8.46 14.04 2.11
N VAL B 190 9.31 15.05 1.86
CA VAL B 190 10.63 15.10 2.49
C VAL B 190 10.49 15.10 4.01
N ASP B 191 9.53 15.86 4.54
CA ASP B 191 9.35 15.94 6.00
C ASP B 191 9.09 14.57 6.61
N ALA B 192 8.25 13.76 5.96
CA ALA B 192 7.96 12.44 6.51
C ALA B 192 9.21 11.57 6.55
N VAL B 193 10.03 11.64 5.50
CA VAL B 193 11.21 10.80 5.50
C VAL B 193 12.25 11.31 6.49
N VAL B 194 12.36 12.63 6.66
CA VAL B 194 13.25 13.16 7.69
C VAL B 194 12.85 12.61 9.05
N LYS B 195 11.55 12.58 9.33
CA LYS B 195 11.07 12.05 10.60
C LYS B 195 11.41 10.57 10.74
N LEU B 196 11.30 9.80 9.65
CA LEU B 196 11.67 8.40 9.72
C LEU B 196 13.16 8.24 10.01
N VAL B 197 14.00 9.05 9.34
CA VAL B 197 15.44 8.97 9.54
C VAL B 197 15.81 9.33 10.98
N THR B 198 15.11 10.32 11.56
CA THR B 198 15.35 10.63 12.96
C THR B 198 15.00 9.44 13.85
N HIS B 199 13.91 8.73 13.50
CA HIS B 199 13.48 7.59 14.28
C HIS B 199 14.47 6.43 14.18
N ILE B 200 15.02 6.18 12.99
CA ILE B 200 15.84 4.99 12.74
C ILE B 200 17.24 5.15 13.29
N GLY B 201 17.79 6.36 13.19
CA GLY B 201 19.20 6.57 13.46
C GLY B 201 20.00 6.52 12.17
N PRO B 202 21.32 6.44 12.29
CA PRO B 202 22.18 6.34 11.09
C PRO B 202 21.68 5.26 10.14
N CYS B 203 21.63 5.62 8.85
CA CYS B 203 21.03 4.77 7.85
C CYS B 203 21.54 5.20 6.47
N VAL B 204 21.21 4.38 5.47
CA VAL B 204 21.54 4.65 4.07
C VAL B 204 20.22 4.74 3.30
N LEU B 205 20.09 5.78 2.47
CA LEU B 205 18.94 5.90 1.59
C LEU B 205 19.25 5.28 0.24
N VAL B 206 18.34 4.43 -0.24
CA VAL B 206 18.43 3.88 -1.59
C VAL B 206 17.20 4.36 -2.33
N THR B 207 17.41 5.24 -3.32
CA THR B 207 16.33 5.96 -3.98
C THR B 207 16.21 5.53 -5.43
N HIS B 208 15.20 6.09 -6.10
CA HIS B 208 14.86 5.62 -7.43
C HIS B 208 14.09 6.73 -8.15
N ALA B 209 14.58 7.13 -9.33
CA ALA B 209 13.80 8.02 -10.18
C ALA B 209 13.31 9.25 -9.43
N ALA B 210 11.99 9.41 -9.27
CA ALA B 210 11.46 10.61 -8.62
C ALA B 210 11.95 10.80 -7.19
N SER B 211 12.28 9.72 -6.49
CA SER B 211 12.76 9.91 -5.11
C SER B 211 14.23 10.31 -5.04
N GLY B 212 14.93 10.33 -6.16
CA GLY B 212 16.33 10.74 -6.14
C GLY B 212 16.50 12.11 -5.53
N VAL B 213 15.85 13.12 -6.12
CA VAL B 213 16.01 14.48 -5.62
C VAL B 213 15.48 14.59 -4.21
N LEU B 214 14.41 13.85 -3.87
CA LEU B 214 13.87 13.92 -2.52
C LEU B 214 14.86 13.38 -1.50
N GLY B 215 15.56 12.30 -1.84
CA GLY B 215 16.56 11.76 -0.92
C GLY B 215 17.75 12.68 -0.72
N MET B 216 18.19 13.35 -1.79
CA MET B 216 19.24 14.36 -1.63
C MET B 216 18.78 15.43 -0.66
N ARG B 217 17.53 15.87 -0.79
CA ARG B 217 17.00 16.88 0.13
C ARG B 217 16.97 16.36 1.57
N VAL B 218 16.49 15.14 1.77
CA VAL B 218 16.47 14.56 3.12
C VAL B 218 17.87 14.59 3.74
N ALA B 219 18.89 14.21 2.95
CA ALA B 219 20.24 14.15 3.51
C ALA B 219 20.71 15.52 3.97
N THR B 220 20.30 16.59 3.28
CA THR B 220 20.70 17.92 3.73
C THR B 220 20.00 18.35 5.00
N HIS B 221 18.92 17.69 5.39
CA HIS B 221 18.18 17.99 6.61
C HIS B 221 18.46 17.00 7.73
N ALA B 222 19.18 15.91 7.46
CA ALA B 222 19.25 14.77 8.38
C ALA B 222 20.66 14.18 8.32
N LYS B 223 21.48 14.51 9.33
CA LYS B 223 22.83 13.97 9.41
C LYS B 223 22.85 12.46 9.56
N ASN B 224 21.73 11.84 9.96
CA ASN B 224 21.73 10.38 10.08
C ASN B 224 21.81 9.69 8.74
N VAL B 225 21.55 10.39 7.64
CA VAL B 225 21.78 9.79 6.32
C VAL B 225 23.28 9.72 6.12
N ARG B 226 23.83 8.51 6.13
N ARG B 226 23.83 8.52 6.11
CA ARG B 226 25.26 8.28 6.02
CA ARG B 226 25.26 8.30 6.01
C ARG B 226 25.71 7.91 4.61
C ARG B 226 25.71 7.91 4.61
N GLY B 227 24.76 7.76 3.69
CA GLY B 227 25.09 7.40 2.31
C GLY B 227 23.82 7.40 1.48
N ILE B 228 24.01 7.61 0.18
CA ILE B 228 22.91 7.56 -0.77
C ILE B 228 23.34 6.75 -1.99
N VAL B 229 22.50 5.80 -2.40
CA VAL B 229 22.59 5.19 -3.72
C VAL B 229 21.28 5.49 -4.43
N ALA B 230 21.36 6.18 -5.56
CA ALA B 230 20.19 6.61 -6.31
C ALA B 230 20.17 5.91 -7.65
N TYR B 231 19.15 5.08 -7.87
CA TYR B 231 18.95 4.43 -9.16
C TYR B 231 18.20 5.37 -10.10
N GLU B 232 18.84 5.75 -11.21
CA GLU B 232 18.20 6.51 -12.28
C GLU B 232 17.41 7.72 -11.77
N PRO B 233 18.04 8.62 -11.01
CA PRO B 233 17.32 9.77 -10.46
C PRO B 233 16.75 10.66 -11.57
N ALA B 234 15.57 11.21 -11.31
CA ALA B 234 14.82 11.92 -12.35
C ALA B 234 15.08 13.43 -12.37
N THR B 235 15.38 14.05 -11.24
CA THR B 235 15.59 15.49 -11.14
C THR B 235 16.95 15.77 -10.52
N SER B 236 17.72 16.64 -11.17
CA SER B 236 19.04 17.02 -10.69
C SER B 236 18.93 18.13 -9.65
N ILE B 237 20.01 18.31 -8.89
CA ILE B 237 20.04 19.27 -7.79
C ILE B 237 21.35 20.05 -7.84
N PHE B 238 21.27 21.35 -7.57
CA PHE B 238 22.41 22.26 -7.67
C PHE B 238 22.30 23.31 -6.57
N PRO B 239 23.40 23.97 -6.23
CA PRO B 239 23.31 25.14 -5.35
C PRO B 239 22.54 26.25 -6.04
N LYS B 240 21.78 27.01 -5.26
CA LYS B 240 20.95 28.09 -5.79
C LYS B 240 21.81 29.06 -6.60
N GLY B 241 21.33 29.41 -7.79
CA GLY B 241 22.02 30.34 -8.66
C GLY B 241 23.19 29.76 -9.42
N LYS B 242 23.52 28.48 -9.22
CA LYS B 242 24.68 27.88 -9.85
C LYS B 242 24.31 26.69 -10.72
N VAL B 243 23.13 26.71 -11.30
CA VAL B 243 22.75 25.66 -12.27
C VAL B 243 23.54 25.93 -13.53
N PRO B 244 24.25 24.94 -14.01
CA PRO B 244 24.98 25.09 -15.25
C PRO B 244 24.08 25.11 -16.47
N GLU B 245 24.69 25.48 -17.58
CA GLU B 245 23.96 25.44 -18.81
C GLU B 245 23.63 24.01 -19.17
N ILE B 246 22.37 23.77 -19.40
CA ILE B 246 21.91 22.44 -19.76
C ILE B 246 21.19 22.58 -21.09
N PRO B 247 21.61 21.78 -22.06
CA PRO B 247 20.96 21.94 -23.33
C PRO B 247 19.50 21.48 -23.44
N PRO B 248 18.70 22.10 -24.34
CA PRO B 248 17.38 21.52 -24.58
C PRO B 248 17.51 20.17 -25.28
N LEU B 249 16.38 19.48 -25.36
CA LEU B 249 16.36 18.17 -26.01
C LEU B 249 16.47 18.33 -27.53
N ALA B 250 16.68 17.19 -28.20
CA ALA B 250 16.92 17.20 -29.64
C ALA B 250 15.74 17.74 -30.44
N ASP B 251 14.53 17.70 -29.88
CA ASP B 251 13.39 18.31 -30.56
C ASP B 251 13.43 19.83 -30.54
N LYS B 252 14.50 20.42 -30.02
CA LYS B 252 14.72 21.87 -29.96
C LYS B 252 13.70 22.61 -29.11
N LYS B 253 12.69 21.93 -28.56
CA LYS B 253 11.63 22.57 -27.83
C LYS B 253 11.50 22.14 -26.37
N SER B 254 11.81 20.90 -26.08
CA SER B 254 11.63 20.40 -24.74
C SER B 254 12.87 20.54 -23.90
N GLN B 255 12.67 20.47 -22.60
CA GLN B 255 13.76 20.47 -21.68
C GLN B 255 13.59 19.39 -20.66
N ILE B 256 14.65 19.15 -19.92
CA ILE B 256 14.54 18.18 -18.85
C ILE B 256 13.85 18.83 -17.66
N PHE B 257 13.73 18.10 -16.56
CA PHE B 257 13.05 18.62 -15.41
C PHE B 257 13.87 19.76 -14.83
N PRO B 258 13.20 20.88 -14.54
CA PRO B 258 13.91 21.98 -13.93
C PRO B 258 14.68 21.52 -12.72
N PRO B 259 15.97 21.76 -12.72
CA PRO B 259 16.77 21.36 -11.58
C PRO B 259 16.34 22.00 -10.27
N PHE B 260 16.41 21.23 -9.21
CA PHE B 260 16.09 21.77 -7.91
C PHE B 260 17.29 22.51 -7.36
N GLU B 261 17.02 23.68 -6.80
CA GLU B 261 18.05 24.53 -6.26
C GLU B 261 17.91 24.72 -4.76
N ILE B 262 18.99 24.51 -4.08
CA ILE B 262 19.00 24.68 -2.64
C ILE B 262 20.13 25.60 -2.21
N GLN B 263 19.97 26.18 -1.04
CA GLN B 263 20.99 27.04 -0.52
C GLN B 263 22.30 26.32 -0.39
N GLU B 264 23.40 27.01 -0.60
CA GLU B 264 24.69 26.37 -0.59
C GLU B 264 25.06 25.71 0.72
N SER B 265 24.63 26.29 1.82
CA SER B 265 24.89 25.70 3.14
C SER B 265 24.31 24.31 3.25
N TYR B 266 23.16 24.14 2.68
CA TYR B 266 22.55 22.80 2.64
C TYR B 266 23.17 21.88 1.58
N PHE B 267 23.48 22.43 0.42
CA PHE B 267 24.12 21.63 -0.62
C PHE B 267 25.44 21.03 -0.15
N LYS B 268 26.21 21.81 0.62
CA LYS B 268 27.50 21.36 1.13
C LYS B 268 27.44 20.13 2.00
N LYS B 269 26.29 19.93 2.61
CA LYS B 269 26.13 18.72 3.39
C LYS B 269 26.18 17.46 2.55
N LEU B 270 25.85 17.59 1.26
CA LEU B 270 25.97 16.44 0.39
C LEU B 270 27.43 16.02 0.18
N ALA B 271 28.38 16.91 0.45
CA ALA B 271 29.79 16.57 0.29
C ALA B 271 30.35 15.75 1.44
N LYS B 272 29.56 15.51 2.48
CA LYS B 272 30.05 14.85 3.69
C LYS B 272 29.76 13.35 3.71
N ILE B 273 29.03 12.83 2.74
CA ILE B 273 28.66 11.42 2.74
C ILE B 273 28.93 10.82 1.36
N PRO B 274 29.16 9.51 1.27
CA PRO B 274 29.29 8.88 -0.06
C PRO B 274 27.95 8.86 -0.79
N ILE B 275 27.97 9.23 -2.06
CA ILE B 275 26.79 9.26 -2.91
C ILE B 275 27.14 8.59 -4.23
N GLN B 276 26.29 7.67 -4.66
CA GLN B 276 26.45 6.99 -5.93
C GLN B 276 25.14 7.06 -6.70
N PHE B 277 25.19 7.57 -7.93
CA PHE B 277 24.06 7.47 -8.86
C PHE B 277 24.32 6.31 -9.80
N VAL B 278 23.29 5.49 -10.04
CA VAL B 278 23.42 4.27 -10.84
C VAL B 278 22.49 4.37 -12.06
N PHE B 279 23.05 4.18 -13.25
CA PHE B 279 22.27 4.21 -14.48
C PHE B 279 22.35 2.89 -15.20
N GLY B 280 21.21 2.47 -15.76
CA GLY B 280 21.13 1.30 -16.60
C GLY B 280 21.61 1.56 -18.02
N ASP B 281 21.09 0.77 -18.95
CA ASP B 281 21.58 0.74 -20.33
C ASP B 281 20.65 1.50 -21.25
N ASN B 282 21.11 1.67 -22.49
CA ASN B 282 20.33 2.22 -23.60
C ASN B 282 20.00 3.71 -23.46
N ILE B 283 20.75 4.44 -22.64
CA ILE B 283 20.71 5.90 -22.70
C ILE B 283 21.62 6.32 -23.84
N PRO B 284 21.13 7.07 -24.83
CA PRO B 284 21.96 7.37 -26.00
C PRO B 284 23.08 8.34 -25.67
N LYS B 285 24.17 8.21 -26.42
CA LYS B 285 25.26 9.18 -26.35
C LYS B 285 24.93 10.44 -27.11
N ASN B 286 24.22 10.33 -28.22
CA ASN B 286 23.98 11.41 -29.15
C ASN B 286 22.51 11.80 -29.17
N PRO B 287 22.18 13.02 -29.59
CA PRO B 287 20.77 13.42 -29.65
C PRO B 287 19.91 12.42 -30.41
N LYS B 288 18.70 12.20 -29.90
CA LYS B 288 17.79 11.21 -30.47
C LYS B 288 16.40 11.85 -30.60
N SER B 289 16.19 12.59 -31.70
CA SER B 289 14.94 13.33 -31.88
C SER B 289 13.72 12.42 -32.02
N ALA B 290 13.90 11.17 -32.44
CA ALA B 290 12.76 10.31 -32.70
C ALA B 290 12.17 9.69 -31.44
N TYR B 291 12.90 9.73 -30.32
CA TYR B 291 12.50 9.04 -29.08
C TYR B 291 12.69 9.99 -27.94
N TRP B 292 11.63 10.66 -27.59
CA TRP B 292 11.69 11.70 -26.60
C TRP B 292 12.30 11.32 -25.25
N PHE B 293 11.85 10.20 -24.72
CA PHE B 293 12.36 9.81 -23.41
C PHE B 293 13.80 9.33 -23.41
N LEU B 294 14.24 8.76 -24.50
CA LEU B 294 15.63 8.38 -24.59
C LEU B 294 16.53 9.63 -24.59
N ASP B 295 16.11 10.64 -25.34
CA ASP B 295 16.85 11.89 -25.36
C ASP B 295 16.77 12.61 -24.02
N TRP B 296 15.60 12.55 -23.39
CA TRP B 296 15.45 13.11 -22.07
C TRP B 296 16.45 12.50 -21.10
N TRP B 297 16.59 11.20 -21.16
CA TRP B 297 17.53 10.52 -20.29
C TRP B 297 18.98 10.90 -20.55
N ARG B 298 19.30 11.09 -21.81
CA ARG B 298 20.64 11.53 -22.14
C ARG B 298 20.95 12.86 -21.47
N VAL B 299 20.07 13.82 -21.64
CA VAL B 299 20.35 15.13 -21.06
C VAL B 299 20.22 15.12 -19.55
N THR B 300 19.28 14.31 -19.02
CA THR B 300 19.15 14.20 -17.57
C THR B 300 20.40 13.59 -16.94
N ARG B 301 20.91 12.51 -17.52
CA ARG B 301 22.14 11.92 -17.02
C ARG B 301 23.29 12.92 -17.09
N TYR B 302 23.34 13.71 -18.17
CA TYR B 302 24.35 14.75 -18.27
C TYR B 302 24.23 15.75 -17.12
N ALA B 303 23.01 16.23 -16.85
CA ALA B 303 22.82 17.16 -15.75
C ALA B 303 23.26 16.55 -14.42
N HIS B 304 22.97 15.26 -14.20
CA HIS B 304 23.42 14.61 -12.97
C HIS B 304 24.93 14.55 -12.89
N SER B 305 25.61 14.32 -14.01
CA SER B 305 27.08 14.31 -13.97
C SER B 305 27.62 15.66 -13.50
N LEU B 306 26.96 16.75 -13.90
CA LEU B 306 27.39 18.07 -13.45
C LEU B 306 27.06 18.30 -11.99
N SER B 307 25.92 17.77 -11.54
CA SER B 307 25.54 17.89 -10.14
C SER B 307 26.54 17.16 -9.26
N LEU B 308 26.92 15.94 -9.65
CA LEU B 308 27.92 15.19 -8.90
C LEU B 308 29.26 15.92 -8.89
N GLU B 309 29.63 16.54 -10.02
CA GLU B 309 30.88 17.31 -10.06
C GLU B 309 30.82 18.49 -9.10
N ALA B 310 29.68 19.16 -9.03
CA ALA B 310 29.54 20.26 -8.09
C ALA B 310 29.73 19.78 -6.65
N ILE B 311 29.21 18.59 -6.33
CA ILE B 311 29.40 18.04 -4.99
C ILE B 311 30.88 17.73 -4.74
N ASN B 312 31.56 17.18 -5.71
CA ASN B 312 32.97 16.85 -5.53
C ASN B 312 33.90 18.08 -5.39
N LYS B 313 33.53 19.15 -6.08
CA LYS B 313 34.32 20.36 -6.00
C LYS B 313 34.23 20.95 -4.62
N LEU B 314 33.19 20.62 -3.86
CA LEU B 314 33.03 21.05 -2.49
C LEU B 314 33.55 20.03 -1.49
N GLY B 315 34.35 19.10 -1.95
CA GLY B 315 34.94 18.12 -1.07
C GLY B 315 34.29 16.76 -0.98
N GLY B 316 33.36 16.55 -1.88
CA GLY B 316 32.59 15.34 -1.82
C GLY B 316 33.12 14.01 -2.25
N GLN B 317 32.23 13.01 -2.16
CA GLN B 317 32.56 11.65 -2.54
C GLN B 317 31.39 11.16 -3.39
N ALA B 318 31.15 11.79 -4.49
CA ALA B 318 30.00 11.51 -5.35
C ALA B 318 30.48 10.85 -6.63
N SER B 319 29.77 9.82 -7.07
CA SER B 319 30.19 9.07 -8.24
C SER B 319 28.98 8.62 -9.04
N LEU B 320 29.23 8.37 -10.32
CA LEU B 320 28.23 7.90 -11.26
C LEU B 320 28.66 6.53 -11.74
N LEU B 321 27.80 5.54 -11.55
CA LEU B 321 28.05 4.17 -11.97
C LEU B 321 27.13 3.85 -13.14
N ASP B 322 27.71 3.68 -14.32
CA ASP B 322 26.96 3.18 -15.46
C ASP B 322 27.06 1.66 -15.45
N LEU B 323 25.94 0.98 -15.29
CA LEU B 323 25.98 -0.48 -15.18
C LEU B 323 26.69 -1.15 -16.35
N PRO B 324 26.57 -0.70 -17.60
CA PRO B 324 27.35 -1.33 -18.67
C PRO B 324 28.85 -1.28 -18.45
N THR B 325 29.37 -0.23 -17.80
CA THR B 325 30.80 -0.17 -17.54
C THR B 325 31.21 -1.22 -16.51
N ALA B 326 30.29 -1.62 -15.64
CA ALA B 326 30.54 -2.69 -14.69
C ALA B 326 30.29 -4.07 -15.29
N GLY B 327 30.02 -4.17 -16.59
CA GLY B 327 29.80 -5.44 -17.25
C GLY B 327 28.38 -5.93 -17.27
N LEU B 328 27.40 -5.08 -16.94
CA LEU B 328 26.00 -5.47 -16.91
C LEU B 328 25.31 -4.76 -18.05
N ARG B 329 24.80 -5.52 -19.02
CA ARG B 329 24.16 -4.98 -20.20
C ARG B 329 22.65 -5.17 -20.13
N GLY B 330 21.91 -4.19 -20.63
CA GLY B 330 20.50 -4.34 -20.88
C GLY B 330 19.59 -3.90 -19.77
N ASN B 331 20.10 -3.24 -18.74
CA ASN B 331 19.21 -2.86 -17.64
C ASN B 331 18.25 -1.75 -18.07
N THR B 332 17.03 -1.84 -17.55
CA THR B 332 16.02 -0.79 -17.68
C THR B 332 16.26 0.27 -16.60
N ALA B 333 15.31 1.19 -16.48
CA ALA B 333 15.37 2.19 -15.42
C ALA B 333 14.97 1.64 -14.06
N PHE B 334 14.62 0.35 -13.95
CA PHE B 334 14.38 -0.32 -12.67
C PHE B 334 15.38 -1.47 -12.56
N PRO B 335 16.68 -1.18 -12.43
CA PRO B 335 17.67 -2.29 -12.46
C PRO B 335 17.47 -3.30 -11.35
N PHE B 336 16.92 -2.86 -10.21
CA PHE B 336 16.70 -3.71 -9.04
C PHE B 336 15.51 -4.65 -9.20
N THR B 337 14.74 -4.56 -10.30
CA THR B 337 13.75 -5.62 -10.59
C THR B 337 14.04 -6.35 -11.89
N ASP B 338 15.12 -6.02 -12.58
CA ASP B 338 15.48 -6.67 -13.82
C ASP B 338 15.97 -8.10 -13.55
N ARG B 339 16.16 -8.85 -14.65
CA ARG B 339 16.54 -10.26 -14.56
C ARG B 339 17.90 -10.45 -13.90
N ASN B 340 18.79 -9.46 -14.00
CA ASN B 340 20.10 -9.52 -13.37
C ASN B 340 20.13 -8.76 -12.05
N ASN B 341 18.97 -8.64 -11.38
CA ASN B 341 18.97 -7.81 -10.17
C ASN B 341 19.88 -8.35 -9.06
N VAL B 342 20.23 -9.63 -9.08
CA VAL B 342 21.19 -10.13 -8.09
C VAL B 342 22.57 -9.51 -8.31
N GLN B 343 22.98 -9.34 -9.55
CA GLN B 343 24.29 -8.70 -9.86
C GLN B 343 24.21 -7.22 -9.54
N VAL B 344 23.06 -6.61 -9.79
CA VAL B 344 22.90 -5.21 -9.40
C VAL B 344 23.03 -5.08 -7.88
N ALA B 345 22.38 -5.98 -7.15
CA ALA B 345 22.50 -5.97 -5.69
C ALA B 345 23.95 -6.15 -5.24
N SER B 346 24.70 -7.00 -5.95
CA SER B 346 26.10 -7.20 -5.60
C SER B 346 26.88 -5.90 -5.66
N LEU B 347 26.59 -5.07 -6.66
CA LEU B 347 27.25 -3.77 -6.79
C LEU B 347 26.85 -2.83 -5.66
N LEU B 348 25.60 -2.93 -5.17
CA LEU B 348 25.20 -2.14 -4.02
C LEU B 348 25.95 -2.59 -2.77
N SER B 349 26.02 -3.91 -2.54
CA SER B 349 26.81 -4.43 -1.44
C SER B 349 28.26 -3.96 -1.53
N ASP B 350 28.82 -3.92 -2.74
CA ASP B 350 30.18 -3.43 -2.92
C ASP B 350 30.33 -2.00 -2.42
N PHE B 351 29.37 -1.13 -2.78
CA PHE B 351 29.40 0.27 -2.34
C PHE B 351 29.30 0.37 -0.83
N LEU B 352 28.38 -0.40 -0.22
CA LEU B 352 28.26 -0.37 1.23
C LEU B 352 29.54 -0.86 1.91
N GLY B 353 30.16 -1.91 1.35
CA GLY B 353 31.39 -2.40 1.93
C GLY B 353 32.55 -1.42 1.80
N LYS B 354 32.63 -0.72 0.67
CA LYS B 354 33.72 0.22 0.43
C LYS B 354 33.75 1.29 1.52
N HIS B 355 32.57 1.72 1.96
CA HIS B 355 32.45 2.80 2.92
C HIS B 355 32.17 2.31 4.34
N GLY B 356 32.29 1.00 4.59
CA GLY B 356 32.09 0.45 5.91
C GLY B 356 30.67 0.51 6.41
N LEU B 357 29.71 0.78 5.52
CA LEU B 357 28.29 0.82 5.88
C LEU B 357 27.70 -0.57 6.09
N ASP B 358 28.50 -1.62 5.94
CA ASP B 358 28.10 -3.00 6.23
C ASP B 358 28.78 -3.54 7.47
N GLN B 359 29.30 -2.67 8.32
CA GLN B 359 29.97 -3.09 9.54
C GLN B 359 29.42 -2.31 10.73
N ASN B 360 29.49 -2.93 11.91
CA ASN B 360 28.91 -2.36 13.12
C ASN B 360 29.82 -1.33 13.79
C4 1SM C . -19.61 0.21 9.17
C5 1SM C . -18.92 -0.63 10.01
C6 1SM C . -17.61 -0.94 9.72
C1 1SM C . -16.98 -0.40 8.61
C2 1SM C . -17.68 0.51 7.70
C3 1SM C . -19.01 0.79 8.04
S7 1SM C . -16.95 1.15 6.40
N8 1SM C . -17.72 2.41 5.91
C9 1SM C . -18.58 2.45 4.88
N10 1SM C . -19.20 1.35 4.46
C2' 1SM C . -20.37 1.31 3.77
N1' 1SM C . -20.73 0.13 3.24
C6' 1SM C . -21.86 -0.02 2.56
C5' 1SM C . -22.73 1.05 2.42
C4' 1SM C . -22.36 2.28 2.97
N3' 1SM C . -21.20 2.38 3.64
O7A 1SM C . -15.67 1.66 6.68
O7B 1SM C . -16.82 0.22 5.33
O9 1SM C . -18.81 3.52 4.36
C11 1SM C . -15.55 -0.74 8.36
O12 1SM C . -14.58 -0.27 9.30
C13 1SM C . -13.24 -0.73 9.26
O11 1SM C . -15.24 -1.38 7.39
C8' 1SM C . -23.24 3.48 2.83
C7' 1SM C . -22.17 -1.37 1.99
O1 TLA D . -27.93 -2.18 26.51
O11 TLA D . -26.42 -3.68 26.95
C1 TLA D . -26.93 -2.57 27.11
C2 TLA D . -26.29 -1.64 28.09
O2 TLA D . -27.01 -0.42 28.07
C3 TLA D . -24.83 -1.43 27.73
O3 TLA D . -24.75 -0.79 26.47
C4 TLA D . -24.20 -0.51 28.73
O4 TLA D . -24.06 0.67 28.39
O41 TLA D . -23.84 -0.96 29.83
C1 GOL E . -8.94 9.48 9.74
O1 GOL E . -7.91 10.27 9.21
C2 GOL E . -10.02 9.22 8.69
O2 GOL E . -9.77 9.64 7.39
C3 GOL E . -10.50 7.74 8.83
O3 GOL E . -10.98 7.28 7.56
C4 1SM F . 10.70 10.93 -15.26
C5 1SM F . 11.56 9.84 -15.05
C6 1SM F . 11.23 8.88 -14.10
C1 1SM F . 10.06 9.00 -13.36
C2 1SM F . 9.14 10.15 -13.58
C3 1SM F . 9.52 11.08 -14.56
S7 1SM F . 7.77 10.32 -12.76
N8 1SM F . 6.85 11.44 -13.47
C9 1SM F . 6.91 12.73 -13.13
N10 1SM F . 5.83 13.46 -13.43
C2' 1SM F . 5.81 14.78 -13.75
N1' 1SM F . 4.67 15.29 -14.27
C6' 1SM F . 4.59 16.59 -14.61
C5' 1SM F . 5.68 17.42 -14.42
C4' 1SM F . 6.85 16.89 -13.87
N3' 1SM F . 6.89 15.57 -13.55
O7A 1SM F . 7.03 9.08 -12.74
O7B 1SM F . 8.04 10.72 -11.40
O9 1SM F . 7.89 13.20 -12.56
C11 1SM F . 9.75 7.94 -12.36
O12 1SM F . 9.48 6.60 -12.82
C13 1SM F . 9.39 5.53 -11.87
O11 1SM F . 9.74 8.23 -11.16
C8' 1SM F . 8.06 17.76 -13.66
C7' 1SM F . 3.32 17.16 -15.20
O1 TLA G . 20.49 3.45 -30.72
O11 TLA G . 22.51 2.66 -30.95
C1 TLA G . 21.71 3.48 -30.47
C2 TLA G . 22.25 4.52 -29.54
O2 TLA G . 21.19 5.23 -28.94
C3 TLA G . 23.15 5.49 -30.29
O3 TLA G . 22.43 6.12 -31.33
C4 TLA G . 23.64 6.51 -29.32
O4 TLA G . 23.42 7.71 -29.51
O41 TLA G . 24.27 6.09 -28.32
C1 GOL H . 1.12 3.86 -15.21
O1 GOL H . 1.26 4.92 -14.28
C2 GOL H . -0.28 3.22 -14.99
O2 GOL H . -1.28 4.16 -14.95
C3 GOL H . -0.51 2.34 -16.21
O3 GOL H . -1.53 1.44 -15.88
#